data_5CDC
#
_entry.id   5CDC
#
_cell.length_a   343.149
_cell.length_b   383.261
_cell.length_c   329.911
_cell.angle_alpha   90.000
_cell.angle_beta   90.000
_cell.angle_gamma   90.000
#
_symmetry.space_group_name_H-M   'P 21 21 2'
#
loop_
_entity.id
_entity.type
_entity.pdbx_description
1 polymer 'VP1, Structural polyprotein'
2 polymer 'VP2, Structural polyprotein'
3 polymer 'VP3, Structural polyprotein'
4 polymer VP4
#
loop_
_entity_poly.entity_id
_entity_poly.type
_entity_poly.pdbx_seq_one_letter_code
_entity_poly.pdbx_strand_id
1 'polypeptide(L)'
;KTNENVISFFDSTDAETQNHDVLMKGCGEFIVNLRTLLRTFRTITDNWILQANTKTPITDLTNTTDAQGRDYMSYLSYLY
RFYRGGRRYKFFNTTPLKQSQTCYIRSFLMPRNYSADEINVDGPSHITYPVINPVHEVEVPFYSQYRKIPIASTSDKGYD
SSLMYFSNTSTTQIVARAGNDDFTFGWMIGPPQLQGETRSVVP
;
A
2 'polypeptide(L)'
;KPRNQQQVCPLQNVPAWGYSLYKGIDMSVPLAYDPNNELGDLKDVFPSAVDEMAIGYVCGNPAVKHVLTWKTTDAIQKPI
ANGDDWGGVIPVGMPCYSKSIRTIKISETENRETEVIDAAPCEYVANMFSYWRATMCYRITVVKTAFHTGRLEIFFEPGV
IPVKPTVNNIGPDQDQLTGAVAPSDNNYKYILDLTNDTEVTIRVPFVSNKMFLKTAGIYGANSENNWNFHESFSGFLCIR
PVTKLMAPDTVSDNVSIVVWKWAEDVVVVEPKPLTSGPTQVYRPPPTASAAVEVLNVELQ
;
B
3 'polypeptide(L)'
;ELASSTSENSVETQEITTFHDVETPNRIDTPMAQDTSSARNMDDTHSIIQFLQRPVLIDNIEIIAGTTADANKPLSRYVL
DQQNSQKYVRSWTLPSTVLKAGGKAQKLANFKYLRCDVQVKLVLNANPFVAGRMYLAYSPYDDKVDTARSVLQTSRAGVT
GYPGVELDFQLDNSVEMTIPYASFQEAYDLVTGTEDFVQLYLFPITPVLGPKSESESSKVDISVYMWLSNISLVIPTYRM
NPD
;
C
4 'polypeptide(L)'
;(UNK)(UNK)(UNK)(UNK)(UNK)(UNK)(UNK)(UNK)(UNK)(UNK)(UNK)(UNK)(UNK)(UNK)(UNK)(UNK)
(UNK)(UNK)(UNK)(UNK)(UNK)(UNK)(UNK)(UNK)(UNK)(UNK)(UNK)(UNK)(UNK)(UNK)(UNK)(UNK)
(UNK)(UNK)(UNK)(UNK)(UNK)(UNK)(UNK)(UNK)(UNK)(UNK)(UNK)(UNK)(UNK)
;
D
#
# COMPACT_ATOMS: atom_id res chain seq x y z
N LYS A 1 24.92 14.97 14.83
CA LYS A 1 25.09 14.99 13.36
C LYS A 1 25.43 13.57 12.87
N THR A 2 24.68 13.10 11.88
CA THR A 2 24.84 11.76 11.27
C THR A 2 24.93 10.57 12.24
N ASN A 3 25.93 9.71 12.05
CA ASN A 3 26.14 8.52 12.87
C ASN A 3 24.99 7.51 12.79
N GLU A 4 24.31 7.32 13.92
CA GLU A 4 23.19 6.39 14.06
C GLU A 4 23.72 5.00 14.35
N ASN A 5 23.00 4.28 15.21
CA ASN A 5 23.37 2.93 15.62
C ASN A 5 22.12 2.07 15.79
N VAL A 6 22.30 0.92 16.42
CA VAL A 6 21.20 -0.02 16.69
C VAL A 6 21.47 -0.82 17.97
N ILE A 7 20.42 -1.08 18.74
CA ILE A 7 20.55 -1.83 20.00
C ILE A 7 19.37 -2.76 20.26
N SER A 8 19.64 -3.97 20.74
CA SER A 8 18.60 -4.95 21.04
C SER A 8 18.60 -5.30 22.52
N PHE A 9 17.48 -5.01 23.18
CA PHE A 9 17.37 -5.29 24.61
C PHE A 9 17.28 -6.77 24.94
N PHE A 10 17.49 -7.08 26.22
CA PHE A 10 17.43 -8.44 26.71
C PHE A 10 18.51 -9.29 26.07
N ASP A 11 18.42 -10.59 26.31
CA ASP A 11 19.36 -11.54 25.74
C ASP A 11 18.63 -12.21 24.58
N SER A 12 19.20 -12.08 23.39
CA SER A 12 18.57 -12.66 22.23
C SER A 12 18.35 -14.16 22.38
N THR A 13 17.65 -14.68 21.40
CA THR A 13 17.27 -16.09 21.29
C THR A 13 16.50 -16.10 19.98
N ASP A 14 16.76 -17.07 19.12
CA ASP A 14 16.05 -17.09 17.86
C ASP A 14 14.59 -16.73 18.09
N ALA A 15 14.22 -15.54 17.64
CA ALA A 15 12.87 -15.05 17.80
C ALA A 15 11.99 -15.96 16.95
N GLU A 16 12.60 -16.52 15.91
CA GLU A 16 11.92 -17.44 15.01
C GLU A 16 11.67 -18.74 15.75
N THR A 17 12.72 -19.26 16.37
CA THR A 17 12.63 -20.50 17.11
C THR A 17 11.53 -20.40 18.14
N GLN A 18 11.55 -19.33 18.94
CA GLN A 18 10.52 -19.15 19.94
C GLN A 18 9.15 -19.13 19.31
N ASN A 19 8.99 -18.28 18.29
CA ASN A 19 7.72 -18.17 17.59
C ASN A 19 7.22 -19.53 17.16
N HIS A 20 8.02 -20.23 16.36
CA HIS A 20 7.65 -21.55 15.88
C HIS A 20 7.22 -22.43 17.06
N ASP A 21 7.90 -22.31 18.20
CA ASP A 21 7.57 -23.12 19.37
C ASP A 21 6.19 -22.80 19.90
N VAL A 22 5.83 -21.52 19.83
CA VAL A 22 4.53 -21.05 20.30
C VAL A 22 3.41 -21.51 19.39
N LEU A 23 3.62 -21.39 18.08
CA LEU A 23 2.61 -21.80 17.11
C LEU A 23 2.39 -23.32 17.16
N MET A 24 3.31 -24.02 17.80
CA MET A 24 3.19 -25.47 17.92
C MET A 24 2.44 -25.85 19.18
N LYS A 25 2.05 -24.85 19.96
CA LYS A 25 1.35 -25.10 21.21
C LYS A 25 0.09 -24.27 21.35
N GLY A 26 -0.02 -23.21 20.54
CA GLY A 26 -1.18 -22.36 20.61
C GLY A 26 -1.81 -22.00 19.28
N CYS A 27 -1.33 -22.59 18.20
CA CYS A 27 -1.90 -22.30 16.88
C CYS A 27 -2.10 -23.55 16.02
N GLY A 28 -1.01 -24.06 15.43
CA GLY A 28 -1.09 -25.25 14.59
C GLY A 28 -0.82 -24.93 13.14
N GLU A 29 -0.88 -23.64 12.82
CA GLU A 29 -0.66 -23.15 11.47
C GLU A 29 0.28 -21.95 11.49
N PHE A 30 0.88 -21.64 10.36
CA PHE A 30 1.80 -20.53 10.28
C PHE A 30 1.53 -19.66 9.06
N ILE A 31 0.81 -18.57 9.28
CA ILE A 31 0.50 -17.65 8.20
C ILE A 31 1.71 -16.80 7.88
N VAL A 32 2.17 -16.82 6.64
CA VAL A 32 3.34 -16.04 6.24
C VAL A 32 3.07 -15.11 5.07
N ASN A 33 2.33 -15.59 4.08
CA ASN A 33 2.04 -14.76 2.93
C ASN A 33 0.59 -14.29 2.99
N LEU A 34 0.37 -13.00 2.75
CA LEU A 34 -0.97 -12.42 2.78
C LEU A 34 -1.77 -12.82 1.56
N ARG A 35 -1.09 -13.22 0.50
CA ARG A 35 -1.78 -13.62 -0.73
C ARG A 35 -2.66 -14.83 -0.43
N THR A 36 -2.29 -15.60 0.59
CA THR A 36 -3.05 -16.77 0.98
C THR A 36 -4.46 -16.37 1.42
N LEU A 37 -4.59 -15.13 1.87
CA LEU A 37 -5.88 -14.61 2.30
C LEU A 37 -6.76 -14.26 1.11
N LEU A 38 -6.14 -14.24 -0.07
CA LEU A 38 -6.85 -13.93 -1.30
C LEU A 38 -7.37 -15.24 -1.88
N ARG A 39 -7.15 -16.32 -1.15
CA ARG A 39 -7.59 -17.63 -1.56
C ARG A 39 -8.74 -18.08 -0.65
N THR A 40 -8.70 -17.63 0.59
CA THR A 40 -9.74 -17.97 1.57
C THR A 40 -10.97 -17.12 1.32
N PHE A 41 -12.14 -17.75 1.32
CA PHE A 41 -13.38 -17.02 1.10
C PHE A 41 -13.91 -16.35 2.36
N ARG A 42 -14.45 -15.15 2.19
CA ARG A 42 -15.01 -14.38 3.28
C ARG A 42 -16.26 -13.63 2.81
N THR A 43 -17.29 -13.62 3.65
CA THR A 43 -18.54 -12.95 3.33
C THR A 43 -18.38 -11.42 3.27
N ILE A 44 -19.01 -10.80 2.28
CA ILE A 44 -18.95 -9.36 2.11
C ILE A 44 -20.32 -8.74 2.40
N THR A 45 -21.33 -9.59 2.31
CA THR A 45 -22.72 -9.22 2.54
C THR A 45 -23.51 -10.44 3.03
N ASP A 46 -24.13 -10.31 4.18
CA ASP A 46 -24.92 -11.39 4.78
C ASP A 46 -26.31 -11.50 4.18
N ASN A 47 -26.57 -10.68 3.17
CA ASN A 47 -27.85 -10.67 2.49
C ASN A 47 -27.78 -9.74 1.29
N TRP A 48 -28.01 -10.30 0.11
CA TRP A 48 -27.97 -9.52 -1.12
C TRP A 48 -29.28 -9.75 -1.85
N ILE A 49 -30.20 -8.81 -1.69
CA ILE A 49 -31.52 -8.91 -2.30
C ILE A 49 -31.49 -8.60 -3.79
N LEU A 50 -32.17 -9.43 -4.56
CA LEU A 50 -32.25 -9.26 -6.01
C LEU A 50 -33.63 -9.66 -6.52
N GLN A 51 -34.02 -9.10 -7.65
CA GLN A 51 -35.32 -9.40 -8.24
C GLN A 51 -35.21 -10.49 -9.29
N ALA A 52 -36.37 -10.98 -9.74
CA ALA A 52 -36.42 -12.04 -10.74
C ALA A 52 -36.13 -11.50 -12.14
N ASN A 53 -35.52 -12.33 -12.97
CA ASN A 53 -35.19 -11.97 -14.34
C ASN A 53 -34.47 -10.62 -14.42
N THR A 54 -33.44 -10.46 -13.61
CA THR A 54 -32.69 -9.21 -13.58
C THR A 54 -31.19 -9.46 -13.66
N LYS A 55 -30.62 -9.23 -14.85
CA LYS A 55 -29.19 -9.41 -15.05
C LYS A 55 -28.46 -8.34 -14.22
N THR A 56 -27.92 -8.74 -13.07
CA THR A 56 -27.22 -7.81 -12.19
C THR A 56 -25.72 -8.06 -12.07
N PRO A 57 -24.90 -7.17 -12.66
CA PRO A 57 -23.44 -7.30 -12.59
C PRO A 57 -22.98 -7.10 -11.15
N ILE A 58 -22.22 -8.05 -10.63
CA ILE A 58 -21.74 -7.96 -9.26
C ILE A 58 -21.10 -6.62 -8.92
N THR A 59 -20.68 -5.88 -9.94
CA THR A 59 -20.06 -4.58 -9.73
C THR A 59 -20.96 -3.66 -8.91
N ASP A 60 -22.28 -3.83 -9.04
CA ASP A 60 -23.23 -3.00 -8.30
C ASP A 60 -23.07 -3.25 -6.81
N LEU A 61 -22.62 -4.45 -6.48
CA LEU A 61 -22.39 -4.85 -5.10
C LEU A 61 -20.92 -4.64 -4.78
N THR A 62 -20.07 -5.00 -5.74
CA THR A 62 -18.62 -4.88 -5.61
C THR A 62 -18.16 -3.46 -5.27
N ASN A 63 -18.63 -2.49 -6.04
CA ASN A 63 -18.24 -1.10 -5.82
C ASN A 63 -18.46 -0.66 -4.37
N THR A 64 -19.48 -1.21 -3.73
CA THR A 64 -19.79 -0.87 -2.35
C THR A 64 -18.88 -1.57 -1.34
N THR A 65 -18.80 -2.88 -1.44
CA THR A 65 -17.99 -3.66 -0.52
C THR A 65 -16.47 -3.47 -0.69
N ASP A 66 -16.05 -3.02 -1.88
CA ASP A 66 -14.62 -2.81 -2.12
C ASP A 66 -14.08 -1.64 -1.32
N ALA A 67 -14.96 -0.72 -0.92
CA ALA A 67 -14.54 0.45 -0.16
C ALA A 67 -14.77 0.26 1.35
N GLN A 68 -15.65 -0.66 1.71
CA GLN A 68 -15.95 -0.92 3.12
C GLN A 68 -14.71 -1.43 3.84
N GLY A 69 -14.07 -2.45 3.28
CA GLY A 69 -12.88 -3.02 3.89
C GLY A 69 -13.24 -4.09 4.88
N ARG A 70 -14.39 -4.74 4.67
CA ARG A 70 -14.84 -5.81 5.56
C ARG A 70 -14.08 -7.11 5.31
N ASP A 71 -14.10 -7.59 4.06
CA ASP A 71 -13.40 -8.83 3.72
C ASP A 71 -11.92 -8.57 3.49
N TYR A 72 -11.16 -9.63 3.22
CA TYR A 72 -9.73 -9.51 2.99
C TYR A 72 -9.41 -8.83 1.66
N MET A 73 -10.12 -9.20 0.60
CA MET A 73 -9.89 -8.61 -0.72
C MET A 73 -9.97 -7.09 -0.68
N SER A 74 -10.94 -6.56 0.07
CA SER A 74 -11.13 -5.13 0.18
C SER A 74 -10.17 -4.49 1.18
N TYR A 75 -10.04 -5.13 2.34
CA TYR A 75 -9.17 -4.62 3.39
C TYR A 75 -7.72 -4.53 2.93
N LEU A 76 -7.24 -5.58 2.28
CA LEU A 76 -5.87 -5.65 1.79
C LEU A 76 -5.62 -4.78 0.56
N SER A 77 -6.68 -4.47 -0.18
CA SER A 77 -6.55 -3.66 -1.37
C SER A 77 -6.12 -2.23 -1.06
N TYR A 78 -6.31 -1.82 0.19
CA TYR A 78 -5.96 -0.48 0.63
C TYR A 78 -4.46 -0.32 0.88
N LEU A 79 -3.71 -1.39 0.74
CA LEU A 79 -2.28 -1.38 0.96
C LEU A 79 -1.48 -1.40 -0.33
N TYR A 80 -2.18 -1.56 -1.45
CA TYR A 80 -1.54 -1.62 -2.75
C TYR A 80 -2.24 -0.70 -3.71
N ARG A 81 -1.75 -0.65 -4.95
CA ARG A 81 -2.33 0.20 -5.97
C ARG A 81 -2.87 -0.62 -7.14
N PHE A 82 -2.19 -1.71 -7.47
CA PHE A 82 -2.61 -2.58 -8.57
C PHE A 82 -3.12 -3.93 -8.11
N TYR A 83 -3.80 -4.61 -9.02
CA TYR A 83 -4.32 -5.94 -8.75
C TYR A 83 -4.18 -6.70 -10.07
N ARG A 84 -4.22 -8.02 -10.00
CA ARG A 84 -4.06 -8.82 -11.21
C ARG A 84 -4.45 -10.28 -10.98
N GLY A 85 -5.33 -10.78 -11.83
CA GLY A 85 -5.77 -12.17 -11.71
C GLY A 85 -7.28 -12.30 -11.64
N GLY A 86 -7.77 -13.53 -11.77
CA GLY A 86 -9.21 -13.76 -11.71
C GLY A 86 -9.77 -13.69 -10.31
N ARG A 87 -11.08 -13.84 -10.19
CA ARG A 87 -11.76 -13.80 -8.90
C ARG A 87 -12.77 -14.94 -8.82
N ARG A 88 -13.11 -15.35 -7.60
CA ARG A 88 -14.07 -16.42 -7.36
C ARG A 88 -15.19 -15.96 -6.45
N TYR A 89 -16.40 -16.42 -6.71
CA TYR A 89 -17.55 -16.04 -5.89
C TYR A 89 -18.39 -17.25 -5.53
N LYS A 90 -19.06 -17.18 -4.38
CA LYS A 90 -19.93 -18.25 -3.93
C LYS A 90 -21.21 -17.62 -3.40
N PHE A 91 -22.34 -18.07 -3.93
CA PHE A 91 -23.62 -17.54 -3.51
C PHE A 91 -24.44 -18.59 -2.76
N PHE A 92 -24.61 -18.38 -1.46
CA PHE A 92 -25.37 -19.31 -0.63
C PHE A 92 -26.82 -18.87 -0.52
N ASN A 93 -27.69 -19.56 -1.26
CA ASN A 93 -29.11 -19.25 -1.28
C ASN A 93 -29.80 -19.25 0.08
N THR A 94 -30.56 -18.19 0.33
CA THR A 94 -31.30 -18.05 1.58
C THR A 94 -32.75 -17.69 1.25
N THR A 95 -33.06 -17.74 -0.04
CA THR A 95 -34.40 -17.44 -0.54
C THR A 95 -35.35 -18.63 -0.40
N PRO A 96 -36.52 -18.42 0.21
CA PRO A 96 -37.49 -19.51 0.39
C PRO A 96 -38.07 -19.93 -0.97
N LEU A 97 -37.94 -21.21 -1.29
CA LEU A 97 -38.42 -21.73 -2.57
C LEU A 97 -39.87 -22.19 -2.53
N LYS A 98 -40.57 -22.01 -3.65
CA LYS A 98 -41.97 -22.42 -3.77
C LYS A 98 -42.00 -23.58 -4.76
N GLN A 99 -42.64 -24.69 -4.37
CA GLN A 99 -42.73 -25.85 -5.25
C GLN A 99 -43.34 -25.45 -6.58
N SER A 100 -44.16 -24.41 -6.56
CA SER A 100 -44.81 -23.91 -7.76
C SER A 100 -43.82 -23.19 -8.68
N GLN A 101 -42.56 -23.25 -8.31
CA GLN A 101 -41.49 -22.61 -9.09
C GLN A 101 -40.29 -23.53 -9.23
N THR A 102 -39.43 -23.18 -10.18
CA THR A 102 -38.21 -23.94 -10.43
C THR A 102 -37.07 -22.93 -10.52
N CYS A 103 -36.65 -22.45 -9.35
CA CYS A 103 -35.58 -21.48 -9.26
C CYS A 103 -34.23 -22.03 -9.71
N TYR A 104 -33.56 -21.27 -10.59
CA TYR A 104 -32.25 -21.65 -11.10
C TYR A 104 -31.34 -20.42 -11.09
N ILE A 105 -30.02 -20.65 -11.02
CA ILE A 105 -29.06 -19.55 -10.99
C ILE A 105 -28.17 -19.55 -12.23
N ARG A 106 -27.99 -18.37 -12.83
CA ARG A 106 -27.16 -18.23 -14.03
C ARG A 106 -26.19 -17.07 -13.91
N SER A 107 -24.92 -17.32 -14.20
CA SER A 107 -23.89 -16.30 -14.14
C SER A 107 -23.09 -16.32 -15.44
N PHE A 108 -22.92 -15.15 -16.04
CA PHE A 108 -22.19 -15.04 -17.31
C PHE A 108 -20.99 -14.13 -17.22
N LEU A 109 -20.35 -13.91 -18.36
CA LEU A 109 -19.19 -13.04 -18.40
C LEU A 109 -19.78 -11.65 -18.67
N MET A 110 -18.89 -10.72 -18.98
CA MET A 110 -19.25 -9.36 -19.28
C MET A 110 -17.97 -8.59 -19.14
N PRO A 111 -17.95 -7.31 -19.59
CA PRO A 111 -16.70 -6.58 -19.42
C PRO A 111 -16.85 -5.78 -18.11
N ARG A 112 -15.74 -5.45 -17.45
CA ARG A 112 -15.81 -4.70 -16.19
C ARG A 112 -16.41 -3.33 -16.36
N ASN A 113 -17.34 -3.00 -15.47
CA ASN A 113 -18.02 -1.72 -15.48
C ASN A 113 -18.89 -1.52 -16.72
N TYR A 114 -19.67 -2.55 -17.04
CA TYR A 114 -20.57 -2.51 -18.20
C TYR A 114 -22.00 -2.61 -17.70
N SER A 115 -22.93 -1.94 -18.38
CA SER A 115 -24.32 -2.00 -17.99
C SER A 115 -24.96 -3.23 -18.65
N ALA A 116 -25.66 -4.04 -17.86
CA ALA A 116 -26.31 -5.26 -18.36
C ALA A 116 -27.01 -5.07 -19.70
N ASP A 117 -27.42 -3.83 -19.97
CA ASP A 117 -28.13 -3.50 -21.19
C ASP A 117 -27.24 -3.29 -22.41
N GLU A 118 -25.91 -3.31 -22.23
CA GLU A 118 -24.99 -3.12 -23.34
C GLU A 118 -24.07 -4.32 -23.59
N ILE A 119 -24.60 -5.51 -23.33
CA ILE A 119 -23.84 -6.75 -23.51
C ILE A 119 -24.82 -7.89 -23.78
N ASN A 120 -24.30 -8.98 -24.33
CA ASN A 120 -25.12 -10.14 -24.65
C ASN A 120 -25.12 -11.18 -23.52
N VAL A 121 -25.98 -12.18 -23.66
CA VAL A 121 -26.11 -13.23 -22.66
C VAL A 121 -25.55 -14.56 -23.17
N ASP A 122 -24.52 -14.48 -24.00
CA ASP A 122 -23.90 -15.68 -24.56
C ASP A 122 -22.55 -15.95 -23.89
N GLY A 123 -21.71 -16.73 -24.55
CA GLY A 123 -20.41 -17.06 -24.01
C GLY A 123 -20.54 -18.03 -22.85
N PRO A 124 -19.44 -18.37 -22.18
CA PRO A 124 -19.45 -19.31 -21.04
C PRO A 124 -20.53 -18.98 -20.04
N SER A 125 -21.06 -20.01 -19.39
CA SER A 125 -22.12 -19.81 -18.40
C SER A 125 -22.23 -20.98 -17.44
N HIS A 126 -22.63 -20.67 -16.21
CA HIS A 126 -22.80 -21.69 -15.19
C HIS A 126 -24.22 -21.61 -14.65
N ILE A 127 -24.75 -22.73 -14.21
CA ILE A 127 -26.10 -22.78 -13.67
C ILE A 127 -26.27 -23.83 -12.58
N THR A 128 -26.97 -23.45 -11.51
CA THR A 128 -27.22 -24.35 -10.39
C THR A 128 -28.68 -24.23 -9.92
N TYR A 129 -29.16 -25.26 -9.21
CA TYR A 129 -30.52 -25.26 -8.70
C TYR A 129 -30.48 -25.32 -7.18
N PRO A 130 -30.74 -24.17 -6.52
CA PRO A 130 -30.74 -24.04 -5.07
C PRO A 130 -31.51 -25.14 -4.35
N VAL A 131 -32.43 -25.79 -5.04
CA VAL A 131 -33.22 -26.86 -4.45
C VAL A 131 -32.39 -28.11 -4.15
N ILE A 132 -31.26 -28.25 -4.86
CA ILE A 132 -30.36 -29.39 -4.67
C ILE A 132 -28.92 -28.93 -4.41
N ASN A 133 -28.62 -27.69 -4.77
CA ASN A 133 -27.30 -27.13 -4.58
C ASN A 133 -27.38 -25.65 -4.22
N PRO A 134 -27.58 -25.35 -2.93
CA PRO A 134 -27.70 -24.00 -2.39
C PRO A 134 -26.50 -23.09 -2.70
N VAL A 135 -25.34 -23.69 -2.90
CA VAL A 135 -24.14 -22.92 -3.20
C VAL A 135 -23.84 -22.84 -4.68
N HIS A 136 -23.71 -21.63 -5.20
CA HIS A 136 -23.41 -21.42 -6.61
C HIS A 136 -22.00 -20.84 -6.72
N GLU A 137 -21.01 -21.72 -6.78
CA GLU A 137 -19.61 -21.35 -6.88
C GLU A 137 -19.20 -21.11 -8.33
N VAL A 138 -18.46 -20.01 -8.57
CA VAL A 138 -18.01 -19.68 -9.91
C VAL A 138 -16.72 -18.86 -9.89
N GLU A 139 -15.94 -18.97 -10.96
CA GLU A 139 -14.68 -18.24 -11.07
C GLU A 139 -14.64 -17.40 -12.34
N VAL A 140 -14.06 -16.21 -12.24
CA VAL A 140 -13.96 -15.30 -13.38
C VAL A 140 -12.52 -15.16 -13.85
N PRO A 141 -12.16 -15.84 -14.95
CA PRO A 141 -10.80 -15.80 -15.52
C PRO A 141 -10.31 -14.36 -15.67
N PHE A 142 -9.01 -14.20 -15.84
CA PHE A 142 -8.46 -12.86 -16.00
C PHE A 142 -8.27 -12.51 -17.47
N TYR A 143 -9.37 -12.10 -18.13
CA TYR A 143 -9.31 -11.71 -19.52
C TYR A 143 -9.13 -10.21 -19.62
N SER A 144 -7.88 -9.76 -19.68
CA SER A 144 -7.57 -8.33 -19.74
C SER A 144 -6.71 -7.89 -20.92
N GLN A 145 -6.77 -6.60 -21.23
CA GLN A 145 -5.99 -6.01 -22.32
C GLN A 145 -4.68 -5.49 -21.74
N TYR A 146 -4.53 -5.65 -20.43
CA TYR A 146 -3.33 -5.21 -19.73
C TYR A 146 -2.90 -6.28 -18.74
N ARG A 147 -1.62 -6.28 -18.39
CA ARG A 147 -1.10 -7.27 -17.46
C ARG A 147 -1.48 -6.93 -16.03
N LYS A 148 -1.83 -5.67 -15.79
CA LYS A 148 -2.22 -5.24 -14.46
C LYS A 148 -3.28 -4.15 -14.57
N ILE A 149 -4.07 -4.02 -13.50
CA ILE A 149 -5.11 -3.03 -13.50
C ILE A 149 -5.26 -2.30 -12.17
N PRO A 150 -5.03 -0.99 -12.16
CA PRO A 150 -5.15 -0.17 -10.95
C PRO A 150 -6.62 -0.01 -10.59
N ILE A 151 -6.90 0.08 -9.30
CA ILE A 151 -8.29 0.22 -8.83
C ILE A 151 -8.90 1.59 -9.16
N ALA A 152 -9.97 1.57 -9.96
CA ALA A 152 -10.73 2.76 -10.38
C ALA A 152 -9.95 3.86 -11.11
N SER A 153 -9.51 3.60 -12.34
CA SER A 153 -8.76 4.59 -13.10
C SER A 153 -9.41 5.05 -14.41
N THR A 154 -9.29 6.34 -14.69
CA THR A 154 -9.84 6.95 -15.90
C THR A 154 -11.22 6.40 -16.28
N SER A 155 -11.42 6.19 -17.57
CA SER A 155 -12.67 5.65 -18.10
C SER A 155 -12.29 4.37 -18.85
N ASP A 156 -11.41 3.60 -18.25
CA ASP A 156 -10.97 2.35 -18.86
C ASP A 156 -12.09 1.34 -18.63
N LYS A 157 -12.96 1.17 -19.61
CA LYS A 157 -14.06 0.22 -19.47
C LYS A 157 -13.97 -0.92 -20.47
N GLY A 158 -14.35 -2.11 -20.03
CA GLY A 158 -14.30 -3.28 -20.88
C GLY A 158 -12.88 -3.65 -21.22
N TYR A 159 -11.98 -3.42 -20.26
CA TYR A 159 -10.57 -3.72 -20.43
C TYR A 159 -10.27 -5.13 -19.92
N ASP A 160 -11.08 -5.60 -18.97
CA ASP A 160 -10.93 -6.93 -18.38
C ASP A 160 -12.31 -7.59 -18.24
N SER A 161 -12.42 -8.59 -17.36
CA SER A 161 -13.69 -9.30 -17.18
C SER A 161 -14.45 -9.05 -15.88
N SER A 162 -15.79 -9.06 -16.00
CA SER A 162 -16.68 -8.84 -14.87
C SER A 162 -17.61 -10.04 -14.77
N LEU A 163 -18.41 -10.09 -13.71
CA LEU A 163 -19.34 -11.19 -13.51
C LEU A 163 -20.76 -10.68 -13.56
N MET A 164 -21.61 -11.36 -14.33
CA MET A 164 -23.02 -10.99 -14.44
C MET A 164 -23.87 -12.06 -13.77
N TYR A 165 -24.81 -11.63 -12.94
CA TYR A 165 -25.67 -12.56 -12.21
C TYR A 165 -27.10 -12.57 -12.77
N PHE A 166 -27.81 -13.67 -12.56
CA PHE A 166 -29.18 -13.81 -13.05
C PHE A 166 -29.95 -14.89 -12.30
N SER A 167 -31.27 -14.74 -12.27
CA SER A 167 -32.14 -15.71 -11.59
C SER A 167 -33.56 -15.54 -12.09
N ASN A 168 -34.26 -16.66 -12.28
CA ASN A 168 -35.64 -16.62 -12.77
C ASN A 168 -36.60 -16.10 -11.72
N THR A 169 -36.23 -16.22 -10.44
CA THR A 169 -37.07 -15.74 -9.36
C THR A 169 -36.31 -14.77 -8.46
N SER A 170 -37.05 -13.94 -7.74
CA SER A 170 -36.44 -12.96 -6.84
C SER A 170 -35.63 -13.73 -5.81
N THR A 171 -34.35 -13.40 -5.70
CA THR A 171 -33.48 -14.10 -4.76
C THR A 171 -32.84 -13.22 -3.70
N THR A 172 -32.19 -13.89 -2.75
CA THR A 172 -31.51 -13.25 -1.63
C THR A 172 -30.51 -14.27 -1.11
N GLN A 173 -29.23 -13.99 -1.27
CA GLN A 173 -28.21 -14.92 -0.82
C GLN A 173 -27.02 -14.23 -0.18
N ILE A 174 -26.19 -15.03 0.50
CA ILE A 174 -24.99 -14.53 1.16
C ILE A 174 -23.84 -14.71 0.18
N VAL A 175 -23.19 -13.61 -0.15
CA VAL A 175 -22.08 -13.65 -1.10
C VAL A 175 -20.71 -13.63 -0.46
N ALA A 176 -19.83 -14.50 -0.94
CA ALA A 176 -18.46 -14.60 -0.46
C ALA A 176 -17.56 -14.67 -1.68
N ARG A 177 -16.42 -13.99 -1.59
CA ARG A 177 -15.49 -13.98 -2.71
C ARG A 177 -14.05 -14.22 -2.31
N ALA A 178 -13.19 -14.34 -3.32
CA ALA A 178 -11.77 -14.57 -3.15
C ALA A 178 -11.16 -14.66 -4.54
N GLY A 179 -9.90 -14.29 -4.68
CA GLY A 179 -9.26 -14.34 -5.98
C GLY A 179 -8.87 -15.78 -6.30
N ASN A 180 -8.58 -16.05 -7.57
CA ASN A 180 -8.18 -17.40 -7.96
C ASN A 180 -6.72 -17.60 -7.57
N ASP A 181 -6.12 -18.68 -8.03
CA ASP A 181 -4.73 -18.98 -7.69
C ASP A 181 -3.76 -18.14 -8.52
N ASP A 182 -4.22 -17.00 -9.00
CA ASP A 182 -3.38 -16.10 -9.80
C ASP A 182 -3.61 -14.65 -9.38
N PHE A 183 -4.58 -14.44 -8.50
CA PHE A 183 -4.91 -13.09 -8.02
C PHE A 183 -3.87 -12.60 -7.02
N THR A 184 -3.53 -11.32 -7.14
CA THR A 184 -2.55 -10.69 -6.26
C THR A 184 -2.50 -9.17 -6.46
N PHE A 185 -2.07 -8.46 -5.42
CA PHE A 185 -1.97 -7.00 -5.48
C PHE A 185 -0.53 -6.59 -5.74
N GLY A 186 -0.33 -5.32 -6.08
CA GLY A 186 1.01 -4.83 -6.35
C GLY A 186 1.24 -3.36 -6.02
N TRP A 187 2.52 -3.00 -5.91
CA TRP A 187 2.94 -1.64 -5.61
C TRP A 187 2.46 -1.14 -4.26
N MET A 188 2.97 -1.74 -3.19
CA MET A 188 2.59 -1.37 -1.83
C MET A 188 2.68 0.14 -1.57
N ILE A 189 1.71 0.65 -0.82
CA ILE A 189 1.67 2.07 -0.48
C ILE A 189 1.45 2.24 1.02
N GLY A 190 0.96 3.41 1.42
CA GLY A 190 0.72 3.66 2.83
C GLY A 190 -0.69 3.30 3.25
N PRO A 191 -0.85 2.74 4.46
CA PRO A 191 -2.17 2.33 4.98
C PRO A 191 -3.02 3.51 5.44
N PRO A 192 -4.35 3.42 5.22
CA PRO A 192 -5.31 4.46 5.62
C PRO A 192 -5.69 4.26 7.08
N GLN A 193 -6.62 5.07 7.57
CA GLN A 193 -7.05 5.00 8.95
C GLN A 193 -8.17 4.01 9.26
N LEU A 194 -7.98 3.28 10.36
CA LEU A 194 -8.95 2.29 10.81
C LEU A 194 -10.08 2.97 11.59
N GLN A 195 -11.21 2.27 11.72
CA GLN A 195 -12.36 2.82 12.44
C GLN A 195 -12.65 2.04 13.72
N GLY A 196 -13.24 2.72 14.70
CA GLY A 196 -13.55 2.06 15.96
C GLY A 196 -15.04 2.00 16.32
N GLU A 197 -15.34 1.78 17.59
CA GLU A 197 -16.74 1.70 18.03
C GLU A 197 -17.43 3.06 17.96
N THR A 198 -18.75 3.03 17.72
CA THR A 198 -19.57 4.23 17.65
C THR A 198 -20.78 3.95 18.52
N ARG A 199 -21.15 4.88 19.39
CA ARG A 199 -22.29 4.65 20.27
C ARG A 199 -23.19 5.86 20.45
N SER A 200 -22.65 7.05 20.18
CA SER A 200 -23.37 8.31 20.33
C SER A 200 -23.53 8.55 21.84
N VAL A 201 -23.64 9.83 22.22
CA VAL A 201 -23.77 10.20 23.62
C VAL A 201 -24.53 11.52 23.72
N VAL A 202 -24.63 12.08 24.92
CA VAL A 202 -25.36 13.33 25.12
C VAL A 202 -24.61 14.66 24.99
N PRO A 203 -23.51 14.84 25.75
CA PRO A 203 -22.80 16.11 25.60
C PRO A 203 -21.54 15.97 24.74
N LYS B 1 -21.71 -55.46 -19.35
CA LYS B 1 -22.08 -56.90 -19.30
C LYS B 1 -22.13 -57.46 -17.86
N PRO B 2 -21.08 -57.21 -17.05
CA PRO B 2 -21.07 -57.71 -15.68
C PRO B 2 -21.82 -56.78 -14.73
N ARG B 3 -22.19 -57.28 -13.56
CA ARG B 3 -22.91 -56.46 -12.60
C ARG B 3 -21.95 -55.77 -11.65
N ASN B 4 -22.49 -54.84 -10.86
CA ASN B 4 -21.71 -54.07 -9.91
C ASN B 4 -21.03 -54.94 -8.86
N GLN B 5 -19.83 -54.51 -8.46
CA GLN B 5 -19.05 -55.20 -7.46
C GLN B 5 -18.57 -54.18 -6.44
N GLN B 6 -18.91 -52.91 -6.68
CA GLN B 6 -18.52 -51.82 -5.81
C GLN B 6 -19.49 -51.63 -4.64
N GLN B 7 -18.95 -51.29 -3.48
CA GLN B 7 -19.77 -51.11 -2.28
C GLN B 7 -20.51 -49.77 -2.27
N VAL B 8 -21.46 -49.65 -1.35
CA VAL B 8 -22.25 -48.43 -1.19
C VAL B 8 -21.43 -47.45 -0.35
N CYS B 9 -21.17 -46.28 -0.92
CA CYS B 9 -20.38 -45.28 -0.21
C CYS B 9 -21.25 -44.30 0.56
N PRO B 10 -20.82 -43.94 1.78
CA PRO B 10 -21.54 -43.01 2.64
C PRO B 10 -21.45 -41.60 2.09
N LEU B 11 -22.49 -40.81 2.32
CA LEU B 11 -22.52 -39.45 1.82
C LEU B 11 -22.92 -38.39 2.83
N GLN B 12 -22.86 -37.15 2.36
CA GLN B 12 -23.23 -35.97 3.11
C GLN B 12 -23.27 -34.82 2.12
N ASN B 13 -24.35 -34.05 2.13
CA ASN B 13 -24.47 -32.93 1.20
C ASN B 13 -23.86 -31.70 1.86
N VAL B 14 -22.56 -31.49 1.66
CA VAL B 14 -21.88 -30.35 2.25
C VAL B 14 -21.12 -29.50 1.23
N PRO B 15 -21.84 -28.80 0.37
CA PRO B 15 -21.21 -27.94 -0.64
C PRO B 15 -20.28 -26.89 -0.01
N ALA B 16 -19.17 -26.59 -0.67
CA ALA B 16 -18.20 -25.61 -0.16
C ALA B 16 -17.66 -26.01 1.21
N TRP B 17 -17.29 -27.27 1.34
CA TRP B 17 -16.74 -27.78 2.59
C TRP B 17 -15.40 -27.08 2.87
N GLY B 18 -15.34 -26.34 3.97
CA GLY B 18 -14.12 -25.64 4.31
C GLY B 18 -13.66 -24.64 3.27
N TYR B 19 -14.55 -23.73 2.91
CA TYR B 19 -14.24 -22.72 1.91
C TYR B 19 -13.42 -21.59 2.53
N SER B 20 -13.32 -21.60 3.85
CA SER B 20 -12.58 -20.57 4.57
C SER B 20 -11.09 -20.88 4.66
N LEU B 21 -10.68 -22.01 4.09
CA LEU B 21 -9.29 -22.41 4.11
C LEU B 21 -8.55 -21.82 2.92
N TYR B 22 -7.22 -21.74 3.03
CA TYR B 22 -6.40 -21.17 1.97
C TYR B 22 -5.89 -22.23 1.01
N LYS B 23 -5.78 -23.47 1.49
CA LYS B 23 -5.31 -24.57 0.66
C LYS B 23 -6.41 -25.60 0.43
N GLY B 24 -6.32 -26.30 -0.69
CA GLY B 24 -7.31 -27.30 -1.02
C GLY B 24 -7.75 -27.17 -2.46
N ILE B 25 -8.88 -27.77 -2.80
CA ILE B 25 -9.39 -27.70 -4.16
C ILE B 25 -10.76 -27.03 -4.21
N ASP B 26 -10.82 -25.91 -4.91
CA ASP B 26 -12.05 -25.14 -5.05
C ASP B 26 -12.99 -25.78 -6.07
N MET B 27 -14.29 -25.74 -5.78
CA MET B 27 -15.28 -26.33 -6.67
C MET B 27 -15.94 -25.33 -7.62
N SER B 28 -15.46 -24.10 -7.63
CA SER B 28 -16.04 -23.07 -8.49
C SER B 28 -15.84 -23.38 -9.97
N VAL B 29 -16.92 -23.26 -10.74
CA VAL B 29 -16.87 -23.53 -12.18
C VAL B 29 -16.26 -22.35 -12.91
N PRO B 30 -15.09 -22.57 -13.55
CA PRO B 30 -14.40 -21.52 -14.29
C PRO B 30 -15.08 -21.19 -15.61
N LEU B 31 -15.59 -19.97 -15.72
CA LEU B 31 -16.27 -19.52 -16.94
C LEU B 31 -15.22 -19.19 -17.99
N ALA B 32 -14.58 -20.23 -18.51
CA ALA B 32 -13.53 -20.04 -19.52
C ALA B 32 -13.63 -21.05 -20.66
N TYR B 33 -12.49 -21.26 -21.32
CA TYR B 33 -12.38 -22.16 -22.46
C TYR B 33 -11.59 -23.42 -22.07
N ASP B 34 -10.41 -23.21 -21.49
CA ASP B 34 -9.55 -24.31 -21.08
C ASP B 34 -9.68 -24.63 -19.60
N PRO B 35 -9.97 -25.90 -19.27
CA PRO B 35 -10.12 -26.37 -17.89
C PRO B 35 -8.92 -26.07 -17.01
N ASN B 36 -7.75 -25.89 -17.64
CA ASN B 36 -6.53 -25.60 -16.92
C ASN B 36 -6.06 -24.17 -17.14
N ASN B 37 -7.00 -23.26 -17.33
CA ASN B 37 -6.68 -21.86 -17.55
C ASN B 37 -5.86 -21.36 -16.37
N GLU B 38 -4.75 -20.68 -16.67
CA GLU B 38 -3.89 -20.17 -15.61
C GLU B 38 -2.91 -19.14 -16.14
N LEU B 39 -2.63 -18.13 -15.33
CA LEU B 39 -1.70 -17.07 -15.72
C LEU B 39 -0.27 -17.44 -15.35
N GLY B 40 0.69 -16.75 -15.95
CA GLY B 40 2.08 -17.03 -15.68
C GLY B 40 2.59 -16.42 -14.38
N ASP B 41 3.88 -16.16 -14.33
CA ASP B 41 4.51 -15.58 -13.14
C ASP B 41 4.28 -14.08 -13.07
N LEU B 42 4.52 -13.50 -11.90
CA LEU B 42 4.33 -12.06 -11.70
C LEU B 42 5.43 -11.25 -12.37
N LYS B 43 6.39 -11.94 -12.99
CA LYS B 43 7.49 -11.26 -13.67
C LYS B 43 6.93 -10.35 -14.75
N ASP B 44 7.43 -9.12 -14.80
CA ASP B 44 6.98 -8.15 -15.79
C ASP B 44 5.60 -7.58 -15.46
N VAL B 45 4.91 -8.20 -14.52
CA VAL B 45 3.59 -7.71 -14.13
C VAL B 45 3.75 -6.53 -13.17
N PHE B 46 4.65 -6.68 -12.21
CA PHE B 46 4.91 -5.63 -11.24
C PHE B 46 6.39 -5.31 -11.23
N PRO B 47 6.75 -4.08 -10.82
CA PRO B 47 8.14 -3.61 -10.76
C PRO B 47 8.90 -4.21 -9.57
N SER B 48 8.19 -4.46 -8.48
CA SER B 48 8.81 -5.02 -7.29
C SER B 48 9.51 -6.35 -7.55
N ALA B 49 10.69 -6.51 -6.97
CA ALA B 49 11.45 -7.73 -7.15
C ALA B 49 11.28 -8.63 -5.94
N VAL B 50 10.39 -8.24 -5.04
CA VAL B 50 10.15 -9.02 -3.84
C VAL B 50 8.66 -9.26 -3.67
N ASP B 51 8.28 -10.47 -3.28
CA ASP B 51 6.88 -10.80 -3.08
C ASP B 51 6.29 -9.66 -2.28
N GLU B 52 5.40 -8.88 -2.88
CA GLU B 52 4.80 -7.75 -2.19
C GLU B 52 3.66 -8.02 -1.21
N MET B 53 3.47 -9.28 -0.84
CA MET B 53 2.42 -9.65 0.10
C MET B 53 2.87 -10.51 1.28
N ALA B 54 4.18 -10.69 1.43
CA ALA B 54 4.72 -11.48 2.52
C ALA B 54 4.67 -10.66 3.81
N ILE B 55 3.93 -11.19 4.79
CA ILE B 55 3.76 -10.53 6.08
C ILE B 55 5.03 -9.88 6.61
N GLY B 56 6.13 -10.63 6.59
CA GLY B 56 7.39 -10.11 7.08
C GLY B 56 7.80 -8.76 6.52
N TYR B 57 7.61 -8.58 5.21
CA TYR B 57 7.97 -7.32 4.56
C TYR B 57 6.92 -6.23 4.78
N VAL B 58 5.65 -6.60 4.75
CA VAL B 58 4.59 -5.60 4.96
C VAL B 58 4.80 -4.90 6.30
N CYS B 59 5.01 -5.69 7.34
CA CYS B 59 5.23 -5.17 8.69
C CYS B 59 6.58 -4.47 8.80
N GLY B 60 7.47 -4.75 7.86
CA GLY B 60 8.78 -4.14 7.88
C GLY B 60 8.76 -2.73 7.32
N ASN B 61 7.59 -2.30 6.84
CA ASN B 61 7.46 -0.96 6.26
C ASN B 61 7.47 0.07 7.38
N PRO B 62 8.52 0.90 7.44
CA PRO B 62 8.64 1.93 8.47
C PRO B 62 7.51 2.96 8.37
N ALA B 63 7.19 3.56 9.50
CA ALA B 63 6.14 4.56 9.57
C ALA B 63 6.28 5.39 10.84
N VAL B 64 6.10 6.71 10.70
CA VAL B 64 6.22 7.62 11.84
C VAL B 64 4.98 7.59 12.72
N LYS B 65 5.19 7.47 14.03
CA LYS B 65 4.10 7.44 14.98
C LYS B 65 4.02 8.72 15.80
N HIS B 66 5.18 9.32 16.12
CA HIS B 66 5.18 10.55 16.90
C HIS B 66 6.17 11.57 16.35
N VAL B 67 5.94 12.82 16.70
CA VAL B 67 6.79 13.93 16.29
C VAL B 67 6.77 14.91 17.46
N LEU B 68 7.27 14.43 18.60
CA LEU B 68 7.30 15.23 19.83
C LEU B 68 8.10 16.51 19.71
N THR B 69 7.89 17.41 20.67
CA THR B 69 8.61 18.68 20.70
C THR B 69 9.37 18.76 22.03
N TRP B 70 10.70 18.81 21.94
CA TRP B 70 11.53 18.88 23.14
C TRP B 70 12.05 20.31 23.33
N LYS B 71 11.49 20.99 24.31
CA LYS B 71 11.87 22.38 24.62
C LYS B 71 12.97 22.41 25.67
N THR B 72 13.81 23.45 25.61
CA THR B 72 14.90 23.60 26.56
C THR B 72 14.33 23.79 27.96
N THR B 73 13.02 24.02 28.03
CA THR B 73 12.31 24.22 29.28
C THR B 73 12.01 22.92 30.00
N ASP B 74 11.56 21.92 29.25
CA ASP B 74 11.23 20.62 29.81
C ASP B 74 12.23 20.17 30.86
N ALA B 75 11.73 19.50 31.90
CA ALA B 75 12.57 19.01 32.98
C ALA B 75 13.01 17.58 32.73
N ILE B 76 14.15 17.21 33.30
CA ILE B 76 14.68 15.86 33.14
C ILE B 76 13.87 14.85 33.94
N GLN B 77 14.08 13.57 33.64
CA GLN B 77 13.38 12.49 34.33
C GLN B 77 11.88 12.70 34.25
N LYS B 78 11.42 13.14 33.09
CA LYS B 78 10.01 13.37 32.87
C LYS B 78 9.75 13.10 31.41
N PRO B 79 9.03 12.00 31.11
CA PRO B 79 8.73 11.66 29.73
C PRO B 79 8.15 12.87 29.02
N ILE B 80 8.74 13.23 27.89
CA ILE B 80 8.25 14.36 27.13
C ILE B 80 6.72 14.23 27.07
N ALA B 81 6.02 15.20 27.66
CA ALA B 81 4.55 15.26 27.65
C ALA B 81 4.34 16.08 26.40
N ASN B 82 3.09 16.39 25.99
CA ASN B 82 2.88 17.24 24.80
C ASN B 82 1.74 17.17 23.82
N GLY B 83 0.73 16.34 24.01
CA GLY B 83 -0.28 16.34 23.00
C GLY B 83 0.22 15.41 21.92
N ASP B 84 0.10 15.76 20.63
CA ASP B 84 0.49 14.80 19.61
C ASP B 84 -0.42 13.72 20.19
N ASP B 85 0.15 12.57 20.50
CA ASP B 85 -0.62 11.50 21.15
C ASP B 85 0.45 10.61 21.74
N TRP B 86 0.43 10.45 23.06
CA TRP B 86 1.43 9.62 23.72
C TRP B 86 2.83 10.15 23.45
N GLY B 87 3.75 9.24 23.14
CA GLY B 87 5.12 9.63 22.88
C GLY B 87 6.02 9.19 24.00
N GLY B 88 6.24 10.07 24.97
CA GLY B 88 7.08 9.73 26.11
C GLY B 88 6.78 8.33 26.62
N VAL B 89 5.60 7.83 26.29
CA VAL B 89 5.17 6.48 26.69
C VAL B 89 4.59 5.72 25.51
N ILE B 90 5.45 5.09 24.73
CA ILE B 90 4.99 4.31 23.57
C ILE B 90 4.61 2.91 24.01
N PRO B 91 3.35 2.52 23.76
CA PRO B 91 2.84 1.20 24.13
C PRO B 91 3.71 0.00 23.75
N VAL B 92 4.66 0.21 22.84
CA VAL B 92 5.57 -0.87 22.44
C VAL B 92 4.84 -2.18 22.09
N GLY B 93 3.58 -2.07 21.72
CA GLY B 93 2.85 -3.26 21.32
C GLY B 93 2.79 -3.24 19.81
N MET B 94 2.46 -4.36 19.19
CA MET B 94 2.37 -4.39 17.75
C MET B 94 1.07 -3.71 17.29
N PRO B 95 -0.06 -4.02 17.95
CA PRO B 95 -1.34 -3.41 17.58
C PRO B 95 -1.27 -1.89 17.71
N CYS B 96 -2.34 -1.20 17.33
CA CYS B 96 -2.35 0.25 17.42
C CYS B 96 -2.81 0.70 18.81
N TYR B 97 -2.31 1.85 19.24
CA TYR B 97 -2.63 2.39 20.56
C TYR B 97 -3.23 3.79 20.50
N SER B 98 -2.76 4.60 19.55
CA SER B 98 -3.24 5.96 19.39
C SER B 98 -4.58 5.98 18.65
N LYS B 99 -5.40 6.98 18.97
CA LYS B 99 -6.71 7.12 18.34
C LYS B 99 -7.32 8.48 18.66
N SER B 100 -8.12 9.00 17.73
CA SER B 100 -8.79 10.28 17.93
C SER B 100 -10.29 10.03 17.81
N ILE B 101 -11.08 10.83 18.51
CA ILE B 101 -12.54 10.67 18.48
C ILE B 101 -13.22 11.75 17.66
N ARG B 102 -13.92 11.34 16.61
CA ARG B 102 -14.64 12.27 15.75
C ARG B 102 -16.07 12.42 16.23
N THR B 103 -16.38 13.55 16.86
CA THR B 103 -17.71 13.79 17.38
C THR B 103 -18.51 14.71 16.45
N ILE B 104 -19.62 14.20 15.95
CA ILE B 104 -20.49 14.98 15.07
C ILE B 104 -21.83 15.25 15.73
N LYS B 105 -22.57 16.22 15.20
CA LYS B 105 -23.87 16.58 15.74
C LYS B 105 -24.99 15.86 15.01
N ILE B 106 -25.97 15.36 15.78
CA ILE B 106 -27.11 14.66 15.21
C ILE B 106 -28.37 15.40 15.63
N SER B 107 -28.26 16.08 16.77
CA SER B 107 -29.36 16.86 17.33
C SER B 107 -28.83 17.52 18.58
N GLU B 108 -29.62 18.41 19.17
CA GLU B 108 -29.19 19.09 20.39
C GLU B 108 -29.36 18.17 21.61
N THR B 109 -29.60 16.89 21.36
CA THR B 109 -29.78 15.93 22.44
C THR B 109 -28.88 14.71 22.33
N GLU B 110 -27.90 14.77 21.43
CA GLU B 110 -26.96 13.66 21.25
C GLU B 110 -25.90 13.97 20.19
N ASN B 111 -24.79 13.25 20.29
CA ASN B 111 -23.69 13.40 19.34
C ASN B 111 -23.24 11.99 18.96
N ARG B 112 -22.55 11.88 17.83
CA ARG B 112 -22.07 10.59 17.37
C ARG B 112 -20.55 10.50 17.42
N GLU B 113 -20.05 9.64 18.31
CA GLU B 113 -18.61 9.46 18.45
C GLU B 113 -18.13 8.28 17.63
N THR B 114 -17.10 8.50 16.83
CA THR B 114 -16.51 7.45 16.00
C THR B 114 -15.00 7.44 16.19
N GLU B 115 -14.46 6.29 16.57
CA GLU B 115 -13.02 6.15 16.79
C GLU B 115 -12.22 6.12 15.50
N VAL B 116 -11.19 6.96 15.43
CA VAL B 116 -10.32 7.03 14.28
C VAL B 116 -8.91 6.67 14.74
N ILE B 117 -8.41 5.53 14.27
CA ILE B 117 -7.09 5.07 14.65
C ILE B 117 -6.07 5.21 13.52
N ASP B 118 -4.99 5.95 13.77
CA ASP B 118 -3.96 6.15 12.76
C ASP B 118 -2.92 5.03 12.86
N ALA B 119 -3.32 3.83 12.45
CA ALA B 119 -2.44 2.69 12.50
C ALA B 119 -1.35 2.71 11.44
N ALA B 120 -0.20 2.15 11.79
CA ALA B 120 0.93 2.07 10.90
C ALA B 120 0.77 0.80 10.07
N PRO B 121 1.69 0.55 9.11
CA PRO B 121 1.57 -0.65 8.28
C PRO B 121 1.51 -1.94 9.09
N CYS B 122 2.32 -2.04 10.14
CA CYS B 122 2.33 -3.23 10.96
C CYS B 122 1.07 -3.32 11.83
N GLU B 123 0.62 -2.17 12.33
CA GLU B 123 -0.57 -2.11 13.17
C GLU B 123 -1.81 -2.39 12.33
N TYR B 124 -1.71 -2.09 11.03
CA TYR B 124 -2.81 -2.29 10.09
C TYR B 124 -3.03 -3.78 9.83
N VAL B 125 -1.94 -4.53 9.84
CA VAL B 125 -2.02 -5.97 9.60
C VAL B 125 -2.44 -6.71 10.86
N ALA B 126 -1.90 -6.29 12.00
CA ALA B 126 -2.22 -6.90 13.28
C ALA B 126 -3.70 -6.83 13.61
N ASN B 127 -4.44 -6.07 12.80
CA ASN B 127 -5.86 -5.91 13.04
C ASN B 127 -6.70 -7.00 12.38
N MET B 128 -6.06 -7.83 11.55
CA MET B 128 -6.77 -8.91 10.85
C MET B 128 -6.80 -10.19 11.66
N PHE B 129 -5.92 -10.28 12.65
CA PHE B 129 -5.82 -11.46 13.49
C PHE B 129 -6.23 -11.17 14.92
N SER B 130 -6.31 -12.23 15.72
CA SER B 130 -6.71 -12.09 17.11
C SER B 130 -5.52 -11.87 18.02
N TYR B 131 -4.49 -12.70 17.88
CA TYR B 131 -3.31 -12.56 18.71
C TYR B 131 -2.07 -12.40 17.85
N TRP B 132 -1.03 -11.84 18.45
CA TRP B 132 0.23 -11.61 17.75
C TRP B 132 1.44 -11.98 18.61
N ARG B 133 2.61 -11.77 18.02
CA ARG B 133 3.88 -12.07 18.67
C ARG B 133 4.98 -11.65 17.70
N ALA B 134 5.91 -10.81 18.17
CA ALA B 134 7.00 -10.35 17.32
C ALA B 134 7.96 -9.45 18.07
N THR B 135 9.00 -9.01 17.37
CA THR B 135 10.00 -8.13 17.95
C THR B 135 9.76 -6.74 17.39
N MET B 136 9.32 -5.83 18.26
CA MET B 136 9.05 -4.47 17.84
C MET B 136 10.32 -3.65 17.71
N CYS B 137 10.45 -2.95 16.59
CA CYS B 137 11.62 -2.13 16.32
C CYS B 137 11.21 -0.67 16.18
N TYR B 138 11.99 0.21 16.79
CA TYR B 138 11.70 1.63 16.76
C TYR B 138 12.94 2.46 16.52
N ARG B 139 12.90 3.31 15.50
CA ARG B 139 14.04 4.17 15.19
C ARG B 139 13.74 5.61 15.59
N ILE B 140 14.34 6.04 16.68
CA ILE B 140 14.15 7.39 17.21
C ILE B 140 15.12 8.39 16.60
N THR B 141 14.56 9.41 15.95
CA THR B 141 15.37 10.44 15.30
C THR B 141 15.16 11.79 15.96
N VAL B 142 16.23 12.54 16.17
CA VAL B 142 16.13 13.85 16.77
C VAL B 142 16.54 14.92 15.77
N VAL B 143 15.55 15.46 15.06
CA VAL B 143 15.81 16.49 14.07
C VAL B 143 16.34 17.71 14.79
N LYS B 144 17.53 18.16 14.41
CA LYS B 144 18.15 19.30 15.05
C LYS B 144 19.34 19.76 14.23
N THR B 145 20.21 20.54 14.86
CA THR B 145 21.42 21.05 14.24
C THR B 145 22.62 20.63 15.08
N ALA B 146 23.82 20.79 14.53
CA ALA B 146 25.03 20.43 15.26
C ALA B 146 25.26 21.37 16.44
N PHE B 147 24.35 22.32 16.64
CA PHE B 147 24.46 23.28 17.73
C PHE B 147 23.68 22.87 18.97
N HIS B 148 22.79 21.89 18.81
CA HIS B 148 21.99 21.40 19.92
C HIS B 148 22.74 20.30 20.64
N THR B 149 22.67 20.31 21.97
CA THR B 149 23.33 19.31 22.78
C THR B 149 22.36 18.77 23.82
N GLY B 150 22.38 17.45 24.00
CA GLY B 150 21.48 16.83 24.96
C GLY B 150 21.76 15.36 25.13
N ARG B 151 20.98 14.71 25.98
CA ARG B 151 21.13 13.28 26.23
C ARG B 151 19.79 12.70 26.62
N LEU B 152 19.09 12.18 25.62
CA LEU B 152 17.77 11.60 25.83
C LEU B 152 17.88 10.13 26.26
N GLU B 153 17.01 9.74 27.20
CA GLU B 153 17.00 8.38 27.71
C GLU B 153 15.77 7.62 27.24
N ILE B 154 15.98 6.36 26.85
CA ILE B 154 14.87 5.53 26.39
C ILE B 154 14.92 4.18 27.11
N PHE B 155 14.04 3.98 28.06
CA PHE B 155 14.02 2.73 28.80
C PHE B 155 12.69 1.98 28.64
N PHE B 156 12.77 0.66 28.68
CA PHE B 156 11.58 -0.18 28.54
C PHE B 156 11.12 -0.71 29.89
N GLU B 157 9.80 -0.74 30.06
CA GLU B 157 9.18 -1.23 31.29
C GLU B 157 8.05 -2.20 30.97
N PRO B 158 8.24 -3.48 31.29
CA PRO B 158 7.23 -4.52 31.03
C PRO B 158 6.07 -4.42 32.00
N GLY B 159 4.90 -4.89 31.55
CA GLY B 159 3.73 -4.85 32.40
C GLY B 159 2.72 -3.78 32.01
N VAL B 160 1.75 -3.56 32.90
CA VAL B 160 0.71 -2.58 32.69
C VAL B 160 1.32 -1.20 32.42
N ILE B 161 0.53 -0.33 31.78
CA ILE B 161 0.98 1.01 31.46
C ILE B 161 0.19 2.05 32.25
N PRO B 162 0.88 2.86 33.08
CA PRO B 162 0.21 3.89 33.87
C PRO B 162 -0.61 4.81 32.99
N VAL B 163 -1.94 4.68 33.06
CA VAL B 163 -2.82 5.50 32.24
C VAL B 163 -3.94 6.16 33.04
N LYS B 164 -4.64 7.08 32.38
CA LYS B 164 -5.76 7.79 32.99
C LYS B 164 -6.96 7.70 32.04
N PRO B 165 -7.70 6.56 32.10
CA PRO B 165 -8.88 6.30 31.27
C PRO B 165 -9.85 7.47 31.20
N THR B 166 -10.49 7.63 30.05
CA THR B 166 -11.45 8.70 29.84
C THR B 166 -12.81 8.10 29.51
N VAL B 167 -13.85 8.90 29.61
CA VAL B 167 -15.20 8.44 29.32
C VAL B 167 -15.30 7.87 27.91
N ASN B 168 -14.30 8.15 27.09
CA ASN B 168 -14.29 7.66 25.71
C ASN B 168 -12.90 7.43 25.13
N ASN B 169 -11.86 7.51 25.97
CA ASN B 169 -10.51 7.30 25.49
C ASN B 169 -9.59 6.89 26.63
N ILE B 170 -8.30 6.81 26.35
CA ILE B 170 -7.29 6.44 27.34
C ILE B 170 -5.96 7.12 27.08
N GLY B 171 -5.48 7.87 28.07
CA GLY B 171 -4.23 8.57 27.93
C GLY B 171 -3.23 8.17 29.01
N PRO B 172 -1.96 8.57 28.87
CA PRO B 172 -0.90 8.24 29.85
C PRO B 172 -1.00 9.06 31.15
N ASP B 173 -0.50 8.51 32.25
CA ASP B 173 -0.51 9.21 33.55
C ASP B 173 0.90 9.74 33.80
N GLN B 174 1.28 10.77 33.04
CA GLN B 174 2.61 11.38 33.15
C GLN B 174 3.04 11.60 34.60
N ASP B 175 2.07 11.89 35.46
CA ASP B 175 2.34 12.14 36.88
C ASP B 175 2.96 10.91 37.55
N GLN B 176 2.62 9.73 37.07
CA GLN B 176 3.11 8.46 37.61
C GLN B 176 4.38 7.97 36.93
N LEU B 177 4.94 8.80 36.04
CA LEU B 177 6.15 8.43 35.30
C LEU B 177 7.28 9.45 35.38
N THR B 178 7.48 10.02 36.58
CA THR B 178 8.55 10.99 36.78
C THR B 178 9.76 10.26 37.34
N GLY B 179 10.93 10.85 37.15
CA GLY B 179 12.16 10.24 37.65
C GLY B 179 12.12 9.86 39.12
N ALA B 180 11.25 10.50 39.89
CA ALA B 180 11.14 10.22 41.31
C ALA B 180 10.33 8.95 41.58
N VAL B 181 9.11 8.89 41.04
CA VAL B 181 8.22 7.76 41.22
C VAL B 181 8.48 6.64 40.21
N ALA B 182 9.26 6.94 39.18
CA ALA B 182 9.57 5.96 38.15
C ALA B 182 11.07 5.89 37.82
N PRO B 183 11.89 5.44 38.78
CA PRO B 183 13.34 5.33 38.57
C PRO B 183 13.68 4.32 37.49
N SER B 184 14.42 4.75 36.49
CA SER B 184 14.81 3.88 35.39
C SER B 184 16.26 3.43 35.56
N ASP B 185 16.61 3.03 36.78
CA ASP B 185 17.98 2.60 37.06
C ASP B 185 18.16 1.13 36.73
N ASN B 186 17.10 0.36 36.91
CA ASN B 186 17.15 -1.07 36.66
C ASN B 186 16.49 -1.45 35.33
N ASN B 187 15.93 -0.47 34.65
CA ASN B 187 15.27 -0.73 33.38
C ASN B 187 16.20 -0.64 32.18
N TYR B 188 16.10 -1.62 31.28
CA TYR B 188 16.91 -1.62 30.08
C TYR B 188 16.73 -0.28 29.40
N LYS B 189 17.84 0.40 29.11
CA LYS B 189 17.74 1.70 28.47
C LYS B 189 18.92 2.03 27.57
N TYR B 190 18.89 3.24 27.03
CA TYR B 190 19.92 3.73 26.14
C TYR B 190 19.92 5.24 26.26
N ILE B 191 21.10 5.84 26.31
CA ILE B 191 21.19 7.28 26.41
C ILE B 191 21.81 7.91 25.16
N LEU B 192 20.95 8.45 24.30
CA LEU B 192 21.39 9.08 23.05
C LEU B 192 21.90 10.50 23.28
N ASP B 193 23.18 10.72 22.99
CA ASP B 193 23.77 12.06 23.16
C ASP B 193 23.64 12.80 21.82
N LEU B 194 22.94 13.94 21.82
CA LEU B 194 22.72 14.71 20.59
C LEU B 194 23.98 15.23 19.89
N THR B 195 25.08 15.35 20.61
CA THR B 195 26.32 15.84 20.02
C THR B 195 27.11 14.76 19.29
N ASN B 196 26.89 13.50 19.65
CA ASN B 196 27.59 12.37 19.03
C ASN B 196 26.73 11.63 18.02
N ASP B 197 25.52 11.25 18.44
CA ASP B 197 24.60 10.50 17.59
C ASP B 197 23.36 11.35 17.31
N THR B 198 22.63 11.01 16.25
CA THR B 198 21.42 11.74 15.90
C THR B 198 20.26 10.77 15.77
N GLU B 199 20.57 9.48 15.84
CA GLU B 199 19.57 8.43 15.70
C GLU B 199 19.98 7.19 16.48
N VAL B 200 19.05 6.27 16.62
CA VAL B 200 19.25 5.01 17.32
C VAL B 200 18.05 4.14 17.07
N THR B 201 18.31 2.90 16.66
CA THR B 201 17.23 1.96 16.39
C THR B 201 17.18 0.94 17.52
N ILE B 202 16.10 0.97 18.29
CA ILE B 202 15.95 0.05 19.40
C ILE B 202 15.01 -1.10 19.06
N ARG B 203 15.52 -2.32 19.19
CA ARG B 203 14.76 -3.52 18.90
C ARG B 203 14.34 -4.17 20.21
N VAL B 204 13.02 -4.33 20.39
CA VAL B 204 12.50 -4.92 21.61
C VAL B 204 11.87 -6.29 21.36
N PRO B 205 12.61 -7.37 21.67
CA PRO B 205 12.13 -8.74 21.49
C PRO B 205 10.80 -8.96 22.21
N PHE B 206 10.11 -10.04 21.86
CA PHE B 206 8.83 -10.34 22.48
C PHE B 206 8.98 -10.90 23.89
N VAL B 207 8.38 -10.22 24.87
CA VAL B 207 8.45 -10.66 26.26
C VAL B 207 7.14 -10.29 26.96
N SER B 208 6.30 -11.27 27.26
CA SER B 208 5.03 -10.96 27.91
C SER B 208 4.44 -12.08 28.75
N ASN B 209 5.29 -12.96 29.28
CA ASN B 209 4.81 -14.06 30.09
C ASN B 209 3.52 -14.64 29.50
N LYS B 210 3.42 -14.54 28.18
CA LYS B 210 2.28 -15.05 27.42
C LYS B 210 2.78 -15.41 26.04
N MET B 211 2.34 -16.56 25.53
CA MET B 211 2.76 -16.98 24.21
C MET B 211 2.44 -15.90 23.19
N PHE B 212 1.19 -15.45 23.18
CA PHE B 212 0.77 -14.41 22.24
C PHE B 212 0.07 -13.27 22.97
N LEU B 213 -0.06 -12.13 22.29
CA LEU B 213 -0.73 -10.98 22.86
C LEU B 213 -1.93 -10.61 22.01
N LYS B 214 -2.96 -10.07 22.65
CA LYS B 214 -4.17 -9.67 21.93
C LYS B 214 -3.88 -8.52 20.98
N THR B 215 -4.73 -8.36 19.97
CA THR B 215 -4.58 -7.31 18.97
C THR B 215 -5.69 -6.26 19.11
N ALA B 216 -6.40 -6.30 20.23
CA ALA B 216 -7.48 -5.35 20.47
C ALA B 216 -6.94 -3.93 20.40
N GLY B 217 -5.86 -3.67 21.11
CA GLY B 217 -5.26 -2.36 21.11
C GLY B 217 -6.06 -1.33 21.88
N ILE B 218 -6.37 -0.21 21.22
CA ILE B 218 -7.12 0.87 21.83
C ILE B 218 -8.57 0.86 21.36
N TYR B 219 -8.91 -0.10 20.52
CA TYR B 219 -10.27 -0.22 19.98
C TYR B 219 -11.34 -0.31 21.08
N GLY B 220 -12.24 0.67 21.09
CA GLY B 220 -13.30 0.69 22.08
C GLY B 220 -12.81 0.68 23.52
N ALA B 221 -11.68 1.33 23.76
CA ALA B 221 -11.07 1.40 25.09
C ALA B 221 -11.45 2.67 25.82
N ASN B 222 -11.97 2.50 27.04
CA ASN B 222 -12.38 3.63 27.87
C ASN B 222 -12.42 3.22 29.34
N SER B 223 -13.00 4.07 30.17
CA SER B 223 -13.11 3.81 31.60
C SER B 223 -13.61 2.42 31.97
N GLU B 224 -14.72 2.00 31.36
CA GLU B 224 -15.32 0.71 31.64
C GLU B 224 -14.69 -0.47 30.88
N ASN B 225 -14.08 -0.17 29.74
CA ASN B 225 -13.45 -1.20 28.92
C ASN B 225 -12.01 -0.83 28.59
N ASN B 226 -11.08 -1.26 29.42
CA ASN B 226 -9.66 -0.97 29.22
C ASN B 226 -8.78 -2.19 29.51
N TRP B 227 -9.41 -3.35 29.61
CA TRP B 227 -8.69 -4.58 29.90
C TRP B 227 -7.98 -5.16 28.68
N ASN B 228 -8.64 -5.13 27.53
CA ASN B 228 -8.07 -5.65 26.29
C ASN B 228 -6.88 -4.80 25.87
N PHE B 229 -6.88 -3.54 26.31
CA PHE B 229 -5.81 -2.62 25.99
C PHE B 229 -4.50 -3.09 26.64
N HIS B 230 -4.57 -3.40 27.93
CA HIS B 230 -3.39 -3.85 28.67
C HIS B 230 -2.84 -5.17 28.16
N GLU B 231 -3.74 -6.12 27.96
CA GLU B 231 -3.37 -7.46 27.48
C GLU B 231 -3.04 -7.44 25.99
N SER B 232 -2.49 -6.35 25.49
CA SER B 232 -2.16 -6.25 24.06
C SER B 232 -0.91 -5.46 23.73
N PHE B 233 0.03 -5.37 24.68
CA PHE B 233 1.26 -4.62 24.46
C PHE B 233 2.49 -5.26 25.12
N SER B 234 2.38 -5.53 26.42
CA SER B 234 3.46 -6.17 27.20
C SER B 234 4.46 -5.22 27.82
N GLY B 235 4.36 -3.94 27.49
CA GLY B 235 5.29 -2.99 28.05
C GLY B 235 5.16 -1.65 27.38
N PHE B 236 6.13 -0.77 27.62
CA PHE B 236 6.12 0.56 27.04
C PHE B 236 7.50 1.19 27.10
N LEU B 237 7.84 1.96 26.08
CA LEU B 237 9.12 2.64 26.02
C LEU B 237 8.94 4.06 26.50
N CYS B 238 9.82 4.51 27.40
CA CYS B 238 9.72 5.85 27.93
C CYS B 238 10.91 6.70 27.47
N ILE B 239 10.62 7.92 27.03
CA ILE B 239 11.66 8.83 26.55
C ILE B 239 11.78 10.05 27.44
N ARG B 240 12.64 9.95 28.45
CA ARG B 240 12.85 11.05 29.39
C ARG B 240 14.25 11.64 29.24
N PRO B 241 14.35 12.97 29.10
CA PRO B 241 15.63 13.66 28.96
C PRO B 241 16.53 13.46 30.18
N VAL B 242 17.76 13.01 29.94
CA VAL B 242 18.70 12.79 31.04
C VAL B 242 19.32 14.13 31.40
N THR B 243 19.64 14.91 30.36
CA THR B 243 20.20 16.23 30.54
C THR B 243 19.34 17.22 29.76
N LYS B 244 18.96 18.29 30.43
CA LYS B 244 18.13 19.33 29.84
C LYS B 244 18.70 19.77 28.49
N LEU B 245 17.81 19.99 27.53
CA LEU B 245 18.20 20.40 26.19
C LEU B 245 18.89 21.76 26.16
N MET B 246 20.06 21.82 25.54
CA MET B 246 20.83 23.05 25.43
C MET B 246 20.75 23.58 24.01
N ALA B 247 20.53 24.89 23.88
CA ALA B 247 20.41 25.49 22.55
C ALA B 247 20.49 27.00 22.61
N PRO B 248 21.52 27.58 21.98
CA PRO B 248 21.75 29.02 21.94
C PRO B 248 20.58 29.77 21.30
N ASP B 249 20.52 31.08 21.52
CA ASP B 249 19.44 31.88 20.96
C ASP B 249 19.61 32.05 19.46
N THR B 250 20.76 31.60 18.94
CA THR B 250 21.04 31.71 17.51
C THR B 250 20.26 30.63 16.74
N VAL B 251 19.71 29.66 17.45
CA VAL B 251 18.93 28.59 16.85
C VAL B 251 17.54 28.53 17.47
N SER B 252 16.89 27.38 17.35
CA SER B 252 15.56 27.20 17.92
C SER B 252 15.61 26.55 19.29
N ASP B 253 14.69 26.95 20.17
CA ASP B 253 14.62 26.41 21.52
C ASP B 253 13.88 25.07 21.53
N ASN B 254 13.54 24.59 20.34
CA ASN B 254 12.83 23.33 20.20
C ASN B 254 13.55 22.36 19.27
N VAL B 255 13.24 21.07 19.41
CA VAL B 255 13.82 20.02 18.59
C VAL B 255 12.78 18.92 18.36
N SER B 256 12.50 18.64 17.10
CA SER B 256 11.52 17.62 16.75
C SER B 256 12.11 16.22 16.86
N ILE B 257 11.36 15.32 17.48
CA ILE B 257 11.79 13.94 17.66
C ILE B 257 10.88 12.99 16.89
N VAL B 258 11.37 12.53 15.74
CA VAL B 258 10.62 11.62 14.90
C VAL B 258 10.86 10.18 15.30
N VAL B 259 9.79 9.41 15.43
CA VAL B 259 9.89 8.02 15.82
C VAL B 259 9.18 7.12 14.83
N TRP B 260 9.90 6.14 14.29
CA TRP B 260 9.34 5.21 13.32
C TRP B 260 8.99 3.87 13.96
N LYS B 261 8.02 3.18 13.37
CA LYS B 261 7.59 1.90 13.90
C LYS B 261 7.44 0.83 12.83
N TRP B 262 7.77 -0.41 13.22
CA TRP B 262 7.68 -1.56 12.34
C TRP B 262 8.09 -2.78 13.17
N ALA B 263 7.72 -3.98 12.69
CA ALA B 263 8.05 -5.20 13.41
C ALA B 263 8.83 -6.19 12.57
N GLU B 264 9.49 -7.12 13.25
CA GLU B 264 10.28 -8.15 12.58
C GLU B 264 10.04 -9.46 13.30
N ASP B 265 10.31 -10.57 12.62
CA ASP B 265 10.12 -11.89 13.22
C ASP B 265 8.68 -11.97 13.70
N VAL B 266 7.76 -11.53 12.84
CA VAL B 266 6.36 -11.51 13.17
C VAL B 266 5.65 -12.85 12.95
N VAL B 267 4.70 -13.13 13.84
CA VAL B 267 3.91 -14.35 13.77
C VAL B 267 2.52 -14.08 14.33
N VAL B 268 1.52 -14.09 13.45
CA VAL B 268 0.14 -13.86 13.84
C VAL B 268 -0.56 -15.21 13.97
N VAL B 269 -1.67 -15.25 14.69
CA VAL B 269 -2.38 -16.51 14.97
C VAL B 269 -3.71 -17.02 14.43
N GLU B 270 -4.78 -16.29 14.71
CA GLU B 270 -6.14 -16.67 14.32
C GLU B 270 -6.52 -15.73 13.18
N PRO B 271 -7.10 -16.26 12.08
CA PRO B 271 -7.47 -15.40 10.95
C PRO B 271 -8.77 -14.63 11.13
N LYS B 272 -8.86 -13.87 12.22
CA LYS B 272 -10.03 -13.09 12.51
C LYS B 272 -9.73 -11.96 13.49
N PRO B 273 -10.23 -10.75 13.20
CA PRO B 273 -9.99 -9.60 14.07
C PRO B 273 -10.50 -9.88 15.49
N LEU B 274 -9.87 -9.26 16.47
CA LEU B 274 -10.28 -9.46 17.86
C LEU B 274 -11.25 -8.38 18.29
N THR B 275 -11.49 -7.42 17.41
CA THR B 275 -12.39 -6.31 17.69
C THR B 275 -13.84 -6.76 17.78
N SER B 276 -14.67 -5.96 18.43
CA SER B 276 -16.09 -6.27 18.58
C SER B 276 -16.88 -5.88 17.33
N GLY B 277 -16.19 -5.32 16.35
CA GLY B 277 -16.84 -4.91 15.12
C GLY B 277 -16.06 -5.30 13.88
N PRO B 278 -16.74 -5.52 12.74
CA PRO B 278 -16.09 -5.89 11.48
C PRO B 278 -15.04 -4.87 11.05
N THR B 279 -13.95 -5.35 10.45
CA THR B 279 -12.89 -4.46 9.99
C THR B 279 -13.47 -3.42 9.05
N GLN B 280 -13.24 -2.15 9.37
CA GLN B 280 -13.74 -1.07 8.54
C GLN B 280 -12.77 0.09 8.43
N VAL B 281 -12.54 0.53 7.19
CA VAL B 281 -11.64 1.63 6.93
C VAL B 281 -12.37 2.97 7.03
N TYR B 282 -11.88 3.84 7.90
CA TYR B 282 -12.48 5.15 8.08
C TYR B 282 -12.31 5.98 6.81
N ARG B 283 -13.42 6.54 6.32
CA ARG B 283 -13.38 7.35 5.10
C ARG B 283 -13.77 8.80 5.42
N PRO B 284 -12.79 9.71 5.41
CA PRO B 284 -13.02 11.14 5.70
C PRO B 284 -14.16 11.75 4.90
N PRO B 285 -15.28 12.08 5.56
CA PRO B 285 -16.44 12.68 4.89
C PRO B 285 -16.11 14.00 4.22
N PRO B 286 -16.96 14.43 3.26
CA PRO B 286 -16.75 15.69 2.55
C PRO B 286 -16.65 16.89 3.49
N THR B 287 -17.53 16.95 4.47
CA THR B 287 -17.55 18.05 5.43
C THR B 287 -17.35 17.51 6.85
N ALA B 288 -16.90 18.38 7.75
CA ALA B 288 -16.67 18.01 9.14
C ALA B 288 -18.00 17.80 9.87
N SER B 289 -19.09 17.91 9.13
CA SER B 289 -20.42 17.74 9.69
C SER B 289 -21.10 16.49 9.13
N ALA B 290 -20.67 16.06 7.95
CA ALA B 290 -21.25 14.87 7.32
C ALA B 290 -21.08 13.66 8.22
N ALA B 291 -22.04 12.74 8.17
CA ALA B 291 -21.99 11.54 8.99
C ALA B 291 -21.29 10.39 8.27
N VAL B 292 -20.76 9.46 9.05
CA VAL B 292 -20.06 8.30 8.50
C VAL B 292 -20.91 7.05 8.57
N GLU B 293 -20.52 6.02 7.83
CA GLU B 293 -21.24 4.76 7.81
C GLU B 293 -20.75 3.86 8.93
N VAL B 294 -21.69 3.28 9.68
CA VAL B 294 -21.35 2.39 10.78
C VAL B 294 -21.82 0.97 10.47
N LEU B 295 -20.88 0.03 10.47
CA LEU B 295 -21.21 -1.37 10.18
C LEU B 295 -21.54 -2.12 11.47
N ASN B 296 -22.58 -2.95 11.40
CA ASN B 296 -23.02 -3.73 12.56
C ASN B 296 -22.57 -5.18 12.46
N VAL B 297 -23.04 -6.00 13.41
CA VAL B 297 -22.69 -7.41 13.43
C VAL B 297 -23.96 -8.27 13.37
N GLU B 298 -25.00 -7.71 12.79
CA GLU B 298 -26.28 -8.41 12.66
C GLU B 298 -26.39 -9.16 11.33
N LEU B 299 -27.01 -10.34 11.38
CA LEU B 299 -27.17 -11.17 10.20
C LEU B 299 -28.66 -11.40 9.95
N GLN B 300 -29.04 -11.50 8.69
CA GLN B 300 -30.44 -11.72 8.33
C GLN B 300 -30.75 -13.22 8.22
N GLU C 1 38.39 13.81 -59.78
CA GLU C 1 38.26 15.04 -60.68
C GLU C 1 37.12 14.92 -62.43
N LEU C 2 36.70 13.75 -62.99
CA LEU C 2 35.93 13.74 -64.23
C LEU C 2 34.55 13.14 -64.01
N ALA C 3 33.82 12.92 -65.10
CA ALA C 3 32.49 12.34 -64.98
C ALA C 3 31.70 13.12 -63.94
N SER C 4 31.71 14.45 -64.05
CA SER C 4 30.97 15.29 -63.10
C SER C 4 29.51 15.26 -63.51
N SER C 5 28.94 14.06 -63.54
CA SER C 5 27.55 13.85 -63.90
C SER C 5 27.22 12.36 -63.99
N THR C 6 25.96 12.04 -64.26
CA THR C 6 25.52 10.64 -64.38
C THR C 6 24.72 10.48 -65.68
N SER C 7 24.10 9.32 -65.86
CA SER C 7 23.30 9.10 -67.07
C SER C 7 22.17 8.07 -66.87
N GLU C 8 21.69 7.51 -67.96
CA GLU C 8 20.56 6.57 -67.92
C GLU C 8 20.74 5.11 -67.51
N ASN C 9 19.62 4.39 -67.63
CA ASN C 9 19.49 2.96 -67.31
C ASN C 9 19.40 2.69 -65.83
N SER C 10 19.41 1.40 -65.49
CA SER C 10 19.33 0.91 -64.10
C SER C 10 18.75 -0.51 -64.04
N VAL C 11 18.42 -0.95 -62.83
CA VAL C 11 17.89 -2.31 -62.61
C VAL C 11 16.37 -2.35 -62.39
N GLU C 12 15.82 -3.54 -62.21
CA GLU C 12 14.38 -3.71 -61.99
C GLU C 12 14.07 -3.72 -60.50
N THR C 13 13.07 -2.94 -60.10
CA THR C 13 12.64 -2.80 -58.71
C THR C 13 13.74 -2.14 -57.88
N GLN C 14 13.42 -1.83 -56.63
CA GLN C 14 14.38 -1.19 -55.75
C GLN C 14 13.76 -1.08 -54.36
N GLU C 15 14.59 -0.80 -53.36
CA GLU C 15 14.12 -0.66 -51.99
C GLU C 15 14.69 0.61 -51.38
N ILE C 16 15.98 0.57 -51.07
CA ILE C 16 16.68 1.69 -50.46
C ILE C 16 15.84 2.21 -49.29
N THR C 17 15.33 1.28 -48.49
CA THR C 17 14.51 1.63 -47.34
C THR C 17 15.32 2.40 -46.31
N THR C 18 15.41 3.72 -46.47
CA THR C 18 16.13 4.57 -45.55
C THR C 18 15.20 4.76 -44.34
N PHE C 19 15.46 4.03 -43.26
CA PHE C 19 14.59 4.09 -42.07
C PHE C 19 13.22 3.66 -42.51
N HIS C 20 12.26 4.58 -42.36
CA HIS C 20 10.92 4.25 -42.78
C HIS C 20 10.76 4.65 -44.19
N ASP C 21 9.74 4.04 -44.78
CA ASP C 21 9.39 4.24 -46.15
C ASP C 21 10.28 3.41 -47.01
N VAL C 22 9.79 3.20 -48.21
CA VAL C 22 10.49 2.48 -49.21
C VAL C 22 9.97 3.28 -50.37
N GLU C 23 10.31 2.84 -51.56
CA GLU C 23 9.89 3.49 -52.77
C GLU C 23 10.37 2.41 -53.70
N THR C 24 9.72 2.25 -54.84
CA THR C 24 10.17 1.24 -55.75
C THR C 24 10.10 1.71 -57.17
N PRO C 25 11.28 1.97 -57.76
CA PRO C 25 11.51 2.44 -59.12
C PRO C 25 12.60 1.52 -59.69
N ASN C 26 13.11 1.85 -60.88
CA ASN C 26 14.16 1.04 -61.50
C ASN C 26 15.54 1.45 -61.02
N ARG C 27 15.96 0.89 -59.89
CA ARG C 27 17.25 1.21 -59.30
C ARG C 27 17.37 2.73 -59.35
N ILE C 28 18.57 3.28 -59.39
CA ILE C 28 18.68 4.73 -59.44
C ILE C 28 19.96 5.25 -60.03
N ASP C 29 19.87 6.40 -60.68
CA ASP C 29 21.04 7.03 -61.26
C ASP C 29 21.40 8.15 -60.29
N THR C 30 22.56 8.05 -59.67
CA THR C 30 22.95 9.07 -58.71
C THR C 30 24.44 9.25 -58.49
N PRO C 31 24.87 10.51 -58.31
CA PRO C 31 26.28 10.82 -58.07
C PRO C 31 26.50 10.83 -56.56
N MET C 32 27.74 11.10 -56.18
CA MET C 32 28.16 11.18 -54.80
C MET C 32 29.51 11.79 -55.04
N ALA C 33 30.10 12.47 -54.07
CA ALA C 33 31.42 13.01 -54.33
C ALA C 33 32.32 11.80 -54.50
N GLN C 34 33.23 11.82 -55.47
CA GLN C 34 34.11 10.69 -55.61
C GLN C 34 34.75 10.56 -54.23
N ASP C 35 34.40 9.48 -53.56
CA ASP C 35 34.90 9.15 -52.21
C ASP C 35 35.02 10.25 -51.12
N THR C 36 34.02 11.10 -50.97
CA THR C 36 33.97 12.20 -49.96
C THR C 36 34.67 12.10 -48.61
N SER C 37 35.22 13.22 -48.13
CA SER C 37 35.94 13.25 -46.88
C SER C 37 35.26 14.08 -45.75
N SER C 38 35.47 13.69 -44.48
CA SER C 38 34.91 14.41 -43.33
C SER C 38 35.08 15.91 -43.51
N ALA C 39 36.33 16.30 -43.70
CA ALA C 39 36.69 17.69 -43.91
C ALA C 39 36.32 18.65 -42.76
N ARG C 40 35.70 18.14 -41.69
CA ARG C 40 35.32 19.02 -40.57
C ARG C 40 35.52 18.40 -39.16
N ASN C 41 35.29 19.21 -38.11
CA ASN C 41 35.50 18.82 -36.68
C ASN C 41 34.41 18.12 -35.84
N MET C 42 34.33 16.79 -35.84
CA MET C 42 33.30 16.11 -35.04
C MET C 42 33.82 15.24 -33.88
N ASP C 43 34.65 15.81 -33.02
CA ASP C 43 35.22 15.04 -31.93
C ASP C 43 34.99 15.66 -30.55
N ASP C 44 33.86 16.34 -30.40
CA ASP C 44 33.52 16.97 -29.14
C ASP C 44 32.20 16.40 -28.66
N THR C 45 32.19 15.12 -28.32
CA THR C 45 30.99 14.44 -27.87
C THR C 45 30.07 14.28 -29.08
N HIS C 46 28.99 13.52 -28.91
CA HIS C 46 28.04 13.29 -29.99
C HIS C 46 26.62 13.34 -29.45
N SER C 47 26.42 12.79 -28.25
CA SER C 47 25.13 12.73 -27.60
C SER C 47 24.15 11.92 -28.44
N ILE C 48 23.04 11.54 -27.81
CA ILE C 48 21.99 10.76 -28.47
C ILE C 48 20.61 11.09 -27.89
N ILE C 49 19.62 10.23 -28.18
CA ILE C 49 18.26 10.42 -27.71
C ILE C 49 18.22 10.34 -26.19
N GLN C 50 19.39 10.19 -25.60
CA GLN C 50 19.53 10.12 -24.18
C GLN C 50 19.24 11.51 -23.59
N PHE C 51 18.89 12.43 -24.48
CA PHE C 51 18.55 13.82 -24.13
C PHE C 51 17.59 13.91 -22.97
N LEU C 52 16.56 13.05 -22.99
CA LEU C 52 15.55 13.03 -21.96
C LEU C 52 16.10 12.74 -20.57
N GLN C 53 17.29 12.17 -20.50
CA GLN C 53 17.83 11.87 -19.18
C GLN C 53 18.71 13.00 -18.64
N ARG C 54 18.60 14.18 -19.25
CA ARG C 54 19.38 15.34 -18.80
C ARG C 54 18.64 16.02 -17.66
N PRO C 55 19.28 16.15 -16.48
CA PRO C 55 18.65 16.80 -15.33
C PRO C 55 18.24 18.22 -15.69
N VAL C 56 17.03 18.60 -15.29
CA VAL C 56 16.52 19.93 -15.57
C VAL C 56 15.75 20.53 -14.39
N LEU C 57 16.04 21.78 -14.08
CA LEU C 57 15.36 22.47 -12.98
C LEU C 57 13.89 22.44 -13.35
N ILE C 58 13.12 21.61 -12.66
CA ILE C 58 11.70 21.47 -12.95
C ILE C 58 10.82 22.15 -11.90
N ASP C 59 11.39 23.17 -11.26
CA ASP C 59 10.73 23.97 -10.22
C ASP C 59 11.75 24.24 -9.13
N ASN C 60 11.51 25.31 -8.38
CA ASN C 60 12.41 25.69 -7.29
C ASN C 60 11.55 26.15 -6.13
N ILE C 61 11.66 25.46 -5.00
CA ILE C 61 10.87 25.80 -3.83
C ILE C 61 11.69 26.62 -2.84
N GLU C 62 11.03 27.54 -2.15
CA GLU C 62 11.73 28.38 -1.18
C GLU C 62 11.06 28.33 0.19
N ILE C 63 11.63 27.53 1.09
CA ILE C 63 11.10 27.39 2.44
C ILE C 63 11.60 28.53 3.31
N ILE C 64 10.69 29.15 4.04
CA ILE C 64 11.05 30.25 4.93
C ILE C 64 10.64 29.96 6.37
N ALA C 65 11.60 30.03 7.28
CA ALA C 65 11.36 29.78 8.69
C ALA C 65 10.09 30.44 9.21
N GLY C 66 9.67 31.51 8.55
CA GLY C 66 8.47 32.22 8.95
C GLY C 66 7.23 31.36 8.77
N THR C 67 6.82 30.68 9.84
CA THR C 67 5.65 29.82 9.80
C THR C 67 4.40 30.69 9.65
N THR C 68 3.89 30.79 8.42
CA THR C 68 2.69 31.58 8.16
C THR C 68 1.74 30.85 7.22
N ALA C 69 2.15 30.67 5.97
CA ALA C 69 1.34 29.98 4.98
C ALA C 69 1.39 28.48 5.24
N ASP C 70 0.65 27.71 4.43
CA ASP C 70 0.61 26.25 4.57
C ASP C 70 1.85 25.59 3.98
N ALA C 71 2.90 26.38 3.77
CA ALA C 71 4.14 25.87 3.21
C ALA C 71 4.96 25.28 4.35
N ASN C 72 4.69 25.74 5.57
CA ASN C 72 5.39 25.25 6.75
C ASN C 72 4.49 24.24 7.43
N LYS C 73 3.22 24.24 7.06
CA LYS C 73 2.27 23.33 7.67
C LYS C 73 2.85 21.93 7.75
N PRO C 74 3.07 21.44 8.97
CA PRO C 74 3.62 20.10 9.19
C PRO C 74 2.56 19.02 9.06
N LEU C 75 2.98 17.84 8.64
CA LEU C 75 2.07 16.71 8.47
C LEU C 75 1.12 16.56 9.66
N SER C 76 -0.18 16.51 9.36
CA SER C 76 -1.19 16.35 10.39
C SER C 76 -1.24 14.89 10.84
N ARG C 77 -1.37 14.66 12.14
CA ARG C 77 -1.42 13.31 12.68
C ARG C 77 -2.74 12.63 12.34
N TYR C 78 -3.75 13.42 12.01
CA TYR C 78 -5.07 12.90 11.68
C TYR C 78 -5.73 13.64 10.53
N VAL C 79 -6.74 13.01 9.95
CA VAL C 79 -7.50 13.59 8.84
C VAL C 79 -8.95 13.14 8.97
N LEU C 80 -9.71 13.83 9.82
CA LEU C 80 -11.11 13.48 10.05
C LEU C 80 -12.04 13.87 8.89
N ASP C 81 -11.75 14.97 8.21
CA ASP C 81 -12.57 15.41 7.09
C ASP C 81 -11.72 15.86 5.91
N GLN C 82 -12.35 15.94 4.73
CA GLN C 82 -11.64 16.34 3.52
C GLN C 82 -11.27 17.82 3.55
N GLN C 83 -11.97 18.59 4.37
CA GLN C 83 -11.71 20.02 4.47
C GLN C 83 -10.37 20.27 5.18
N ASN C 84 -9.88 19.24 5.88
CA ASN C 84 -8.61 19.31 6.59
C ASN C 84 -7.61 18.35 5.98
N SER C 85 -7.53 18.37 4.66
CA SER C 85 -6.61 17.50 3.93
C SER C 85 -5.19 17.74 4.42
N GLN C 86 -4.27 16.95 3.89
CA GLN C 86 -2.87 17.05 4.25
C GLN C 86 -2.24 18.14 3.39
N LYS C 87 -1.41 19.00 3.97
CA LYS C 87 -0.81 20.03 3.15
C LYS C 87 0.65 19.77 2.85
N TYR C 88 0.95 19.89 1.58
CA TYR C 88 2.27 19.66 1.04
C TYR C 88 2.90 20.97 0.63
N VAL C 89 4.22 20.95 0.53
CA VAL C 89 4.95 22.14 0.12
C VAL C 89 4.84 22.30 -1.39
N ARG C 90 4.77 21.19 -2.11
CA ARG C 90 4.66 21.24 -3.56
C ARG C 90 4.36 19.85 -4.12
N SER C 91 3.66 19.81 -5.25
CA SER C 91 3.31 18.54 -5.89
C SER C 91 3.45 18.66 -7.40
N TRP C 92 3.88 17.58 -8.03
CA TRP C 92 4.07 17.57 -9.48
C TRP C 92 3.32 16.42 -10.12
N THR C 93 2.66 16.70 -11.24
CA THR C 93 1.91 15.68 -11.95
C THR C 93 2.75 15.01 -13.03
N LEU C 94 3.54 14.03 -12.63
CA LEU C 94 4.40 13.31 -13.57
C LEU C 94 3.57 12.34 -14.40
N PRO C 95 4.11 11.94 -15.57
CA PRO C 95 5.40 12.33 -16.13
C PRO C 95 5.35 13.59 -17.00
N SER C 96 4.14 14.02 -17.32
CA SER C 96 3.95 15.21 -18.15
C SER C 96 4.74 16.40 -17.63
N THR C 97 4.94 16.46 -16.33
CA THR C 97 5.68 17.55 -15.71
C THR C 97 7.09 17.62 -16.25
N VAL C 98 7.80 16.49 -16.25
CA VAL C 98 9.17 16.45 -16.74
C VAL C 98 9.25 16.57 -18.26
N LEU C 99 8.16 16.23 -18.93
CA LEU C 99 8.11 16.28 -20.39
C LEU C 99 7.88 17.68 -20.95
N LYS C 100 7.60 18.64 -20.08
CA LYS C 100 7.38 20.00 -20.53
C LYS C 100 8.59 20.90 -20.32
N ALA C 101 9.46 20.49 -19.40
CA ALA C 101 10.67 21.25 -19.08
C ALA C 101 11.84 20.81 -19.95
N GLY C 102 12.92 21.59 -19.91
CA GLY C 102 14.10 21.26 -20.69
C GLY C 102 13.79 21.11 -22.16
N GLY C 103 12.56 21.42 -22.55
CA GLY C 103 12.16 21.31 -23.95
C GLY C 103 12.27 19.88 -24.45
N LYS C 104 11.90 18.93 -23.60
CA LYS C 104 11.95 17.51 -23.94
C LYS C 104 10.77 17.13 -24.82
N ALA C 105 9.64 17.81 -24.62
CA ALA C 105 8.44 17.55 -25.39
C ALA C 105 8.70 17.76 -26.89
N GLN C 106 9.25 18.91 -27.24
CA GLN C 106 9.55 19.25 -28.64
C GLN C 106 10.57 18.27 -29.22
N LYS C 107 11.25 17.56 -28.34
CA LYS C 107 12.25 16.59 -28.74
C LYS C 107 11.57 15.33 -29.26
N LEU C 108 10.72 14.73 -28.43
CA LEU C 108 10.01 13.51 -28.79
C LEU C 108 8.76 13.77 -29.63
N ALA C 109 8.83 14.82 -30.44
CA ALA C 109 7.72 15.20 -31.31
C ALA C 109 7.62 14.16 -32.43
N ASN C 110 6.39 13.92 -32.88
CA ASN C 110 6.13 12.96 -33.95
C ASN C 110 6.27 11.51 -33.49
N PHE C 111 6.33 11.30 -32.19
CA PHE C 111 6.44 9.96 -31.64
C PHE C 111 5.14 9.57 -30.99
N LYS C 112 4.82 8.29 -31.01
CA LYS C 112 3.56 7.81 -30.45
C LYS C 112 3.63 7.30 -29.01
N TYR C 113 4.40 6.24 -28.80
CA TYR C 113 4.49 5.67 -27.46
C TYR C 113 5.82 5.92 -26.75
N LEU C 114 5.75 5.95 -25.42
CA LEU C 114 6.92 6.18 -24.57
C LEU C 114 6.83 5.42 -23.24
N ARG C 115 7.97 4.91 -22.79
CA ARG C 115 8.06 4.18 -21.53
C ARG C 115 9.38 4.45 -20.82
N CYS C 116 9.30 4.79 -19.53
CA CYS C 116 10.48 5.10 -18.76
C CYS C 116 10.17 5.39 -17.30
N ASP C 117 11.23 5.57 -16.52
CA ASP C 117 11.11 5.86 -15.10
C ASP C 117 11.57 7.29 -14.86
N VAL C 118 10.82 8.03 -14.07
CA VAL C 118 11.17 9.41 -13.77
C VAL C 118 12.19 9.44 -12.64
N GLN C 119 13.30 10.13 -12.90
CA GLN C 119 14.38 10.25 -11.93
C GLN C 119 14.30 11.64 -11.32
N VAL C 120 14.33 11.72 -10.00
CA VAL C 120 14.24 13.01 -9.33
C VAL C 120 15.38 13.22 -8.35
N LYS C 121 15.67 14.48 -8.05
CA LYS C 121 16.72 14.81 -7.10
C LYS C 121 16.50 16.18 -6.47
N LEU C 122 16.38 16.21 -5.15
CA LEU C 122 16.18 17.45 -4.42
C LEU C 122 17.47 17.91 -3.79
N VAL C 123 17.96 19.04 -4.26
CA VAL C 123 19.18 19.56 -3.70
C VAL C 123 18.90 20.67 -2.70
N LEU C 124 19.13 20.36 -1.44
CA LEU C 124 18.89 21.30 -0.36
C LEU C 124 20.07 22.22 -0.12
N ASN C 125 19.82 23.29 0.60
CA ASN C 125 20.86 24.25 0.90
C ASN C 125 20.41 25.23 1.99
N ALA C 126 20.34 24.75 3.23
CA ALA C 126 19.95 25.58 4.35
C ALA C 126 21.20 25.94 5.15
N ASN C 127 21.11 26.96 6.00
CA ASN C 127 22.26 27.34 6.80
C ASN C 127 22.37 26.47 8.05
N PRO C 128 23.49 26.57 8.77
CA PRO C 128 23.78 25.82 10.00
C PRO C 128 22.85 25.96 11.19
N PHE C 129 21.98 26.95 11.19
CA PHE C 129 21.09 27.15 12.32
C PHE C 129 19.64 26.78 12.03
N VAL C 130 19.39 26.28 10.83
CA VAL C 130 18.05 25.89 10.44
C VAL C 130 17.83 24.39 10.57
N ALA C 131 16.95 24.00 11.48
CA ALA C 131 16.65 22.59 11.70
C ALA C 131 15.27 22.27 11.14
N GLY C 132 15.09 21.03 10.70
CA GLY C 132 13.81 20.62 10.16
C GLY C 132 13.93 19.31 9.42
N ARG C 133 12.79 18.70 9.10
CA ARG C 133 12.80 17.44 8.40
C ARG C 133 11.67 17.36 7.38
N MET C 134 11.90 16.57 6.33
CA MET C 134 10.91 16.40 5.28
C MET C 134 10.95 15.01 4.69
N TYR C 135 9.79 14.49 4.33
CA TYR C 135 9.70 13.17 3.74
C TYR C 135 9.14 13.28 2.34
N LEU C 136 9.97 12.90 1.38
CA LEU C 136 9.54 12.91 0.01
C LEU C 136 8.71 11.63 -0.05
N ALA C 137 8.21 11.30 -1.23
CA ALA C 137 7.39 10.10 -1.40
C ALA C 137 6.64 10.32 -2.68
N TYR C 138 6.11 9.25 -3.25
CA TYR C 138 5.37 9.36 -4.49
C TYR C 138 4.22 8.38 -4.44
N SER C 139 3.19 8.64 -5.23
CA SER C 139 2.06 7.74 -5.24
C SER C 139 1.65 7.48 -6.68
N PRO C 140 1.07 6.31 -6.96
CA PRO C 140 0.61 5.95 -8.31
C PRO C 140 -0.90 6.17 -8.42
N TYR C 141 -1.33 7.00 -9.37
CA TYR C 141 -2.75 7.26 -9.56
C TYR C 141 -3.40 7.82 -8.31
N ASP C 142 -2.66 8.61 -7.55
CA ASP C 142 -3.20 9.18 -6.33
C ASP C 142 -4.41 10.05 -6.65
N ASP C 143 -4.36 10.73 -7.79
CA ASP C 143 -5.44 11.60 -8.22
C ASP C 143 -6.31 10.90 -9.26
N LYS C 144 -6.24 9.57 -9.27
CA LYS C 144 -6.99 8.74 -10.21
C LYS C 144 -7.72 7.62 -9.50
N VAL C 145 -7.96 7.78 -8.20
CA VAL C 145 -8.64 6.75 -7.42
C VAL C 145 -9.54 7.35 -6.35
N ASP C 146 -10.31 6.50 -5.69
CA ASP C 146 -11.21 6.94 -4.64
C ASP C 146 -10.43 7.81 -3.66
N THR C 147 -10.94 9.02 -3.43
CA THR C 147 -10.30 9.99 -2.54
C THR C 147 -9.74 9.36 -1.27
N ALA C 148 -10.52 8.49 -0.65
CA ALA C 148 -10.11 7.83 0.58
C ALA C 148 -8.77 7.10 0.42
N ARG C 149 -8.45 6.69 -0.81
CA ARG C 149 -7.21 5.97 -1.09
C ARG C 149 -6.06 6.90 -1.46
N SER C 150 -6.26 8.20 -1.22
CA SER C 150 -5.24 9.20 -1.52
C SER C 150 -4.28 9.38 -0.35
N VAL C 151 -3.04 9.69 -0.66
CA VAL C 151 -2.03 9.90 0.36
C VAL C 151 -2.32 11.17 1.15
N LEU C 152 -3.18 12.01 0.62
CA LEU C 152 -3.56 13.26 1.27
C LEU C 152 -4.73 13.06 2.24
N GLN C 153 -5.40 11.92 2.10
CA GLN C 153 -6.55 11.60 2.93
C GLN C 153 -6.24 10.52 3.97
N THR C 154 -5.01 10.52 4.48
CA THR C 154 -4.61 9.53 5.47
C THR C 154 -3.79 10.15 6.59
N SER C 155 -3.68 9.43 7.71
CA SER C 155 -2.93 9.90 8.86
C SER C 155 -1.46 10.06 8.55
N ARG C 156 -0.72 10.63 9.50
CA ARG C 156 0.71 10.84 9.33
C ARG C 156 1.43 9.50 9.24
N ALA C 157 0.89 8.50 9.94
CA ALA C 157 1.47 7.16 9.94
C ALA C 157 1.27 6.51 8.59
N GLY C 158 0.21 6.90 7.89
CA GLY C 158 -0.07 6.33 6.58
C GLY C 158 0.74 7.00 5.48
N VAL C 159 0.84 8.32 5.55
CA VAL C 159 1.60 9.09 4.56
C VAL C 159 3.07 8.68 4.61
N THR C 160 3.57 8.45 5.82
CA THR C 160 4.96 8.05 6.03
C THR C 160 5.18 6.60 5.60
N GLY C 161 4.08 5.91 5.29
CA GLY C 161 4.17 4.53 4.87
C GLY C 161 4.40 4.43 3.37
N TYR C 162 4.08 5.49 2.65
CA TYR C 162 4.27 5.51 1.20
C TYR C 162 5.74 5.47 0.82
N PRO C 163 6.05 4.90 -0.35
CA PRO C 163 7.42 4.81 -0.84
C PRO C 163 8.04 6.20 -0.97
N GLY C 164 9.00 6.51 -0.11
CA GLY C 164 9.64 7.81 -0.16
C GLY C 164 11.04 7.85 0.44
N VAL C 165 11.51 9.05 0.75
CA VAL C 165 12.84 9.23 1.33
C VAL C 165 12.84 10.44 2.28
N GLU C 166 13.58 10.34 3.38
CA GLU C 166 13.65 11.44 4.34
C GLU C 166 14.63 12.52 3.91
N LEU C 167 14.50 13.69 4.52
CA LEU C 167 15.36 14.84 4.23
C LEU C 167 15.54 15.72 5.46
N ASP C 168 16.78 15.83 5.94
CA ASP C 168 17.07 16.65 7.10
C ASP C 168 17.96 17.80 6.68
N PHE C 169 17.58 19.02 7.06
CA PHE C 169 18.33 20.20 6.70
C PHE C 169 19.77 20.22 7.18
N GLN C 170 20.09 19.39 8.19
CA GLN C 170 21.44 19.37 8.72
C GLN C 170 22.21 18.06 8.56
N LEU C 171 21.83 17.26 7.56
CA LEU C 171 22.51 15.99 7.34
C LEU C 171 22.77 15.66 5.87
N ASP C 172 21.75 15.74 5.04
CA ASP C 172 21.89 15.45 3.62
C ASP C 172 21.64 16.70 2.77
N ASN C 173 22.61 17.06 1.93
CA ASN C 173 22.47 18.23 1.08
C ASN C 173 21.57 17.98 -0.11
N SER C 174 21.31 16.72 -0.40
CA SER C 174 20.46 16.36 -1.52
C SER C 174 20.05 14.91 -1.49
N VAL C 175 18.81 14.65 -1.90
CA VAL C 175 18.28 13.30 -1.93
C VAL C 175 17.66 13.04 -3.29
N GLU C 176 17.85 11.84 -3.81
CA GLU C 176 17.30 11.47 -5.10
C GLU C 176 16.10 10.56 -4.94
N MET C 177 15.57 10.08 -6.06
CA MET C 177 14.42 9.17 -6.03
C MET C 177 14.06 8.68 -7.41
N THR C 178 13.55 7.47 -7.47
CA THR C 178 13.18 6.88 -8.73
C THR C 178 11.75 6.42 -8.77
N ILE C 179 11.11 6.78 -9.86
CA ILE C 179 9.72 6.47 -10.06
C ILE C 179 9.59 5.47 -11.20
N PRO C 180 9.65 4.18 -10.85
CA PRO C 180 9.53 3.13 -11.86
C PRO C 180 8.34 3.40 -12.77
N TYR C 181 8.48 3.00 -14.02
CA TYR C 181 7.39 3.17 -14.96
C TYR C 181 6.27 2.53 -14.17
N ALA C 182 5.17 3.27 -13.98
CA ALA C 182 4.03 2.77 -13.21
C ALA C 182 2.87 2.89 -14.18
N SER C 183 3.10 2.42 -15.39
CA SER C 183 2.09 2.49 -16.42
C SER C 183 1.42 1.14 -16.65
N PHE C 184 0.13 1.06 -16.33
CA PHE C 184 -0.60 -0.19 -16.52
C PHE C 184 -0.87 -0.31 -18.00
N GLN C 185 -0.70 0.80 -18.71
CA GLN C 185 -0.90 0.84 -20.14
C GLN C 185 0.46 0.60 -20.76
N GLU C 186 0.63 -0.51 -21.46
CA GLU C 186 1.93 -0.74 -22.09
C GLU C 186 2.16 0.61 -22.76
N ALA C 187 3.30 1.24 -22.55
CA ALA C 187 3.55 2.51 -23.20
C ALA C 187 2.79 3.71 -22.63
N TYR C 188 2.68 4.73 -23.46
CA TYR C 188 2.04 5.97 -23.05
C TYR C 188 1.80 6.80 -24.29
N ASP C 189 0.55 7.24 -24.47
CA ASP C 189 0.21 8.03 -25.65
C ASP C 189 0.73 9.47 -25.58
N LEU C 190 1.74 9.77 -26.38
CA LEU C 190 2.33 11.12 -26.42
C LEU C 190 1.34 12.11 -27.04
N VAL C 191 0.58 11.62 -28.03
CA VAL C 191 -0.43 12.41 -28.72
C VAL C 191 -1.73 11.73 -28.33
N THR C 192 -2.65 12.48 -27.75
CA THR C 192 -3.90 11.92 -27.24
C THR C 192 -3.43 11.25 -25.97
N GLY C 193 -4.31 10.56 -25.27
CA GLY C 193 -3.90 9.98 -24.02
C GLY C 193 -3.82 11.29 -23.26
N THR C 194 -4.31 11.31 -22.04
CA THR C 194 -4.24 12.56 -21.32
C THR C 194 -2.87 12.60 -20.68
N GLU C 195 -2.21 11.45 -20.78
CA GLU C 195 -0.87 11.26 -20.25
C GLU C 195 -0.94 11.38 -18.75
N ASP C 196 -2.14 11.73 -18.28
CA ASP C 196 -2.35 11.87 -16.87
C ASP C 196 -1.96 10.61 -16.18
N PHE C 197 -1.11 10.77 -15.20
CA PHE C 197 -0.71 9.69 -14.35
C PHE C 197 -0.63 10.31 -12.98
N VAL C 198 0.06 9.67 -12.07
CA VAL C 198 0.07 10.20 -10.73
C VAL C 198 0.94 11.37 -10.34
N GLN C 199 0.39 12.11 -9.38
CA GLN C 199 0.99 13.29 -8.80
C GLN C 199 2.01 12.84 -7.76
N LEU C 200 3.12 13.54 -7.73
CA LEU C 200 4.20 13.27 -6.79
C LEU C 200 4.07 14.33 -5.71
N TYR C 201 4.53 14.03 -4.50
CA TYR C 201 4.43 14.98 -3.40
C TYR C 201 5.70 15.22 -2.61
N LEU C 202 5.59 16.12 -1.64
CA LEU C 202 6.68 16.51 -0.75
C LEU C 202 6.10 17.07 0.53
N PHE C 203 5.93 16.21 1.53
CA PHE C 203 5.37 16.61 2.80
C PHE C 203 6.41 16.89 3.88
N PRO C 204 6.19 17.94 4.68
CA PRO C 204 7.09 18.36 5.77
C PRO C 204 6.82 17.51 7.02
N ILE C 205 7.74 16.60 7.32
CA ILE C 205 7.59 15.73 8.48
C ILE C 205 7.38 16.57 9.72
N THR C 206 8.24 17.56 9.87
CA THR C 206 8.17 18.46 11.01
C THR C 206 8.22 19.89 10.55
N PRO C 207 7.74 20.82 11.39
CA PRO C 207 7.75 22.23 11.02
C PRO C 207 9.17 22.77 10.94
N VAL C 208 9.45 23.56 9.92
CA VAL C 208 10.77 24.15 9.75
C VAL C 208 11.07 24.98 11.00
N LEU C 209 11.94 24.44 11.86
CA LEU C 209 12.31 25.11 13.09
C LEU C 209 13.48 26.07 12.90
N GLY C 210 13.23 27.35 13.15
CA GLY C 210 14.28 28.34 13.00
C GLY C 210 14.35 29.25 14.21
N PRO C 211 15.46 29.98 14.38
CA PRO C 211 15.65 30.91 15.49
C PRO C 211 14.59 32.01 15.44
N LYS C 212 13.96 32.22 16.59
CA LYS C 212 12.82 33.14 16.78
C LYS C 212 12.72 34.65 16.51
N SER C 213 13.79 35.44 16.44
CA SER C 213 13.58 36.87 16.18
C SER C 213 12.92 37.14 14.83
N GLU C 214 12.62 38.42 14.57
CA GLU C 214 12.04 38.87 13.31
C GLU C 214 13.09 39.83 12.76
N SER C 215 13.03 40.13 11.46
CA SER C 215 13.96 41.07 10.81
C SER C 215 15.14 40.40 10.10
N GLU C 216 15.44 39.16 10.46
CA GLU C 216 16.54 38.43 9.82
C GLU C 216 16.04 37.28 8.98
N SER C 217 15.09 36.54 9.55
CA SER C 217 14.53 35.37 8.88
C SER C 217 15.59 34.33 8.61
N SER C 218 15.11 33.10 8.42
CA SER C 218 15.96 31.96 8.14
C SER C 218 15.32 31.22 6.98
N LYS C 219 16.06 31.05 5.90
CA LYS C 219 15.52 30.36 4.74
C LYS C 219 16.22 29.05 4.51
N VAL C 220 15.66 28.24 3.61
CA VAL C 220 16.22 26.95 3.25
C VAL C 220 16.34 26.88 1.75
N ASP C 221 15.20 26.93 1.06
CA ASP C 221 15.17 26.85 -0.39
C ASP C 221 15.54 25.43 -0.82
N ILE C 222 15.24 25.10 -2.07
CA ILE C 222 15.53 23.79 -2.63
C ILE C 222 15.54 23.89 -4.16
N SER C 223 16.10 22.88 -4.81
CA SER C 223 16.15 22.86 -6.26
C SER C 223 15.72 21.48 -6.73
N VAL C 224 14.64 21.43 -7.48
CA VAL C 224 14.11 20.16 -7.95
C VAL C 224 14.50 19.88 -9.40
N TYR C 225 15.31 18.85 -9.59
CA TYR C 225 15.75 18.44 -10.92
C TYR C 225 15.13 17.10 -11.27
N MET C 226 14.79 16.95 -12.55
CA MET C 226 14.18 15.71 -13.02
C MET C 226 14.63 15.30 -14.41
N TRP C 227 14.63 13.99 -14.64
CA TRP C 227 15.02 13.42 -15.92
C TRP C 227 14.47 12.00 -16.01
N LEU C 228 14.54 11.40 -17.19
CA LEU C 228 14.01 10.06 -17.39
C LEU C 228 15.10 9.01 -17.64
N SER C 229 14.77 7.76 -17.34
CA SER C 229 15.68 6.64 -17.53
C SER C 229 14.89 5.46 -18.08
N ASN C 230 15.58 4.49 -18.68
CA ASN C 230 14.90 3.33 -19.26
C ASN C 230 13.88 3.80 -20.29
N ILE C 231 14.24 4.86 -21.00
CA ILE C 231 13.39 5.47 -22.01
C ILE C 231 13.05 4.49 -23.15
N SER C 232 11.91 4.74 -23.80
CA SER C 232 11.44 3.92 -24.91
C SER C 232 10.49 4.76 -25.78
N LEU C 233 10.95 5.10 -26.99
CA LEU C 233 10.19 5.91 -27.94
C LEU C 233 10.18 5.07 -29.21
N VAL C 234 9.01 4.75 -29.74
CA VAL C 234 9.01 3.86 -30.89
C VAL C 234 8.23 4.13 -32.18
N ILE C 235 6.92 4.32 -32.10
CA ILE C 235 6.15 4.52 -33.31
C ILE C 235 5.93 5.99 -33.70
N PRO C 236 6.47 6.41 -34.87
CA PRO C 236 6.29 7.81 -35.28
C PRO C 236 4.86 8.14 -35.69
N THR C 237 4.60 9.43 -35.85
CA THR C 237 3.28 9.94 -36.25
C THR C 237 3.38 11.42 -36.64
N TYR C 238 2.39 11.90 -37.37
CA TYR C 238 2.36 13.30 -37.77
C TYR C 238 1.72 14.13 -36.67
N ARG C 239 1.05 13.45 -35.74
CA ARG C 239 0.39 14.12 -34.63
C ARG C 239 1.26 14.27 -33.38
N MET C 240 0.99 15.34 -32.64
CA MET C 240 1.70 15.64 -31.40
C MET C 240 0.71 16.34 -30.48
N ASN C 241 0.85 16.13 -29.17
CA ASN C 241 -0.08 16.71 -28.20
C ASN C 241 0.32 18.08 -27.63
N PRO C 242 -0.39 19.14 -28.03
CA PRO C 242 -0.13 20.50 -27.56
C PRO C 242 -0.98 20.85 -26.34
N ASP C 243 -1.05 19.92 -25.39
CA ASP C 243 -1.83 20.12 -24.17
C ASP C 243 -0.96 20.48 -22.98
N UNK D 1 5.81 -34.77 7.05
CA UNK D 1 5.40 -36.18 6.79
C UNK D 1 4.94 -36.87 8.08
N UNK D 2 3.64 -36.77 8.38
CA UNK D 2 3.07 -37.39 9.58
C UNK D 2 1.54 -37.51 9.47
N UNK D 3 0.88 -37.77 10.60
CA UNK D 3 -0.59 -37.91 10.63
C UNK D 3 -1.11 -39.11 9.85
N UNK D 4 -2.42 -39.13 9.63
CA UNK D 4 -3.08 -40.20 8.89
C UNK D 4 -3.68 -39.60 7.61
N UNK D 5 -4.61 -40.31 6.96
CA UNK D 5 -5.19 -39.82 5.71
C UNK D 5 -3.98 -39.64 4.78
N UNK D 6 -3.89 -38.54 4.02
CA UNK D 6 -2.74 -38.35 3.13
C UNK D 6 -2.17 -36.93 2.99
N UNK D 7 -2.81 -36.12 2.15
CA UNK D 7 -2.35 -34.75 1.93
C UNK D 7 -3.52 -33.79 1.75
N UNK D 8 -3.32 -32.76 0.92
CA UNK D 8 -4.39 -31.81 0.67
C UNK D 8 -4.32 -31.32 -0.78
N UNK D 9 -3.12 -31.36 -1.35
CA UNK D 9 -2.89 -30.95 -2.74
C UNK D 9 -1.42 -31.11 -3.09
N UNK D 10 -1.12 -31.31 -4.37
CA UNK D 10 0.26 -31.48 -4.82
C UNK D 10 1.00 -30.15 -4.71
N UNK D 11 1.60 -29.92 -3.54
CA UNK D 11 2.32 -28.68 -3.29
C UNK D 11 3.56 -28.58 -4.15
N UNK D 12 4.23 -27.43 -4.07
CA UNK D 12 5.43 -27.22 -4.85
C UNK D 12 6.40 -26.37 -4.07
N UNK D 13 7.65 -26.38 -4.50
CA UNK D 13 8.68 -25.61 -3.83
C UNK D 13 9.11 -24.40 -4.62
N UNK D 14 9.80 -23.52 -3.90
CA UNK D 14 10.36 -22.28 -4.40
C UNK D 14 11.58 -22.05 -3.49
N UNK D 15 12.14 -20.85 -3.45
CA UNK D 15 13.34 -20.58 -2.62
C UNK D 15 13.16 -20.56 -1.09
N UNK D 16 14.26 -20.27 -0.36
CA UNK D 16 14.33 -20.30 1.11
C UNK D 16 15.04 -19.17 1.93
N UNK D 17 14.35 -18.09 2.30
CA UNK D 17 14.95 -16.94 3.03
C UNK D 17 14.61 -16.54 4.47
N UNK D 18 13.47 -17.00 4.95
CA UNK D 18 12.91 -16.73 6.27
C UNK D 18 11.44 -16.44 5.99
N UNK D 19 10.60 -16.37 7.02
CA UNK D 19 9.18 -16.11 6.77
C UNK D 19 8.79 -14.66 6.98
N UNK D 20 9.38 -14.04 7.99
CA UNK D 20 9.12 -12.64 8.31
C UNK D 20 10.35 -11.82 7.93
N UNK D 21 10.20 -10.49 7.84
CA UNK D 21 11.31 -9.61 7.47
C UNK D 21 12.01 -10.11 6.20
N UNK D 22 13.27 -9.75 6.03
CA UNK D 22 14.04 -10.16 4.85
C UNK D 22 13.32 -9.72 3.57
N UNK D 23 13.57 -10.42 2.47
CA UNK D 23 12.94 -10.09 1.19
C UNK D 23 12.94 -11.28 0.23
N UNK D 24 11.76 -11.80 -0.08
CA UNK D 24 11.62 -12.96 -0.97
C UNK D 24 11.38 -12.56 -2.44
N UNK D 25 12.13 -13.19 -3.34
CA UNK D 25 12.11 -12.91 -4.78
C UNK D 25 10.87 -12.87 -5.70
N UNK D 26 9.81 -13.63 -5.42
CA UNK D 26 8.61 -13.58 -6.28
C UNK D 26 8.50 -14.51 -7.50
N UNK D 27 9.53 -15.27 -7.81
CA UNK D 27 9.40 -16.18 -8.94
C UNK D 27 9.35 -17.57 -8.29
N UNK D 28 8.19 -18.22 -8.37
CA UNK D 28 8.00 -19.54 -7.79
C UNK D 28 7.14 -20.42 -8.70
N UNK D 29 7.82 -21.19 -9.55
CA UNK D 29 7.16 -22.09 -10.51
C UNK D 29 6.58 -21.32 -11.70
N UNK D 30 5.49 -21.81 -12.30
CA UNK D 30 4.95 -21.16 -13.48
C UNK D 30 6.16 -21.12 -14.39
N UNK D 31 6.51 -19.93 -14.91
CA UNK D 31 7.71 -19.73 -15.75
C UNK D 31 7.63 -19.73 -17.28
N UNK D 32 6.51 -20.07 -17.92
CA UNK D 32 6.43 -20.02 -19.38
C UNK D 32 6.64 -21.28 -20.24
N UNK D 33 7.07 -22.39 -19.66
CA UNK D 33 7.27 -23.61 -20.46
C UNK D 33 6.44 -24.81 -20.03
N UNK D 34 6.29 -25.01 -18.73
CA UNK D 34 5.52 -26.13 -18.19
C UNK D 34 4.25 -25.63 -17.52
N UNK D 35 3.40 -24.98 -18.31
CA UNK D 35 2.14 -24.42 -17.80
C UNK D 35 1.00 -24.71 -18.76
N UNK D 36 0.77 -25.98 -19.04
CA UNK D 36 -0.29 -26.39 -19.96
C UNK D 36 -0.23 -25.56 -21.24
N UNK D 37 0.97 -25.42 -21.78
CA UNK D 37 1.17 -24.68 -23.01
C UNK D 37 0.89 -25.60 -24.18
N UNK D 38 0.33 -26.77 -23.87
CA UNK D 38 0.00 -27.75 -24.89
C UNK D 38 1.13 -27.81 -25.92
N UNK D 39 0.87 -27.35 -27.13
CA UNK D 39 1.86 -27.40 -28.20
C UNK D 39 1.88 -28.87 -28.61
N UNK D 40 1.61 -29.14 -29.88
CA UNK D 40 1.58 -30.50 -30.39
C UNK D 40 0.65 -31.48 -29.66
N UNK D 41 -0.51 -31.01 -29.17
CA UNK D 41 -1.46 -31.86 -28.44
C UNK D 41 -2.87 -31.90 -29.06
N UNK D 42 -3.78 -32.54 -28.33
CA UNK D 42 -5.17 -32.76 -28.73
C UNK D 42 -6.08 -31.51 -28.67
N UNK D 43 -5.67 -30.39 -29.19
CA UNK D 43 -6.54 -29.24 -29.10
C UNK D 43 -7.65 -29.35 -30.16
N UNK D 44 -7.58 -30.41 -30.97
CA UNK D 44 -8.54 -30.64 -32.05
C UNK D 44 -9.10 -32.04 -32.09
N UNK D 45 -9.85 -32.35 -33.16
CA UNK D 45 -10.43 -33.68 -33.33
C UNK D 45 -9.77 -34.74 -32.45
#